data_2GV5
#
_entry.id   2GV5
#
_cell.length_a   74.775
_cell.length_b   104.735
_cell.length_c   184.899
_cell.angle_alpha   90.00
_cell.angle_beta   90.00
_cell.angle_gamma   90.00
#
_symmetry.space_group_name_H-M   'P 21 21 21'
#
loop_
_entity.id
_entity.type
_entity.pdbx_description
1 polymer 'Cell division control protein 31'
2 polymer Sfi1p
3 water water
#
loop_
_entity_poly.entity_id
_entity_poly.type
_entity_poly.pdbx_seq_one_letter_code
_entity_poly.pdbx_strand_id
1 'polypeptide(L)'
;(MSE)SKNRSSLQSGPLNSELLEEQKQEIYEAFSLFD(MSE)NNDGFLDYHELKVA(MSE)KALGFELPKREILDLIDEY
DSEGRHL(MSE)KYDDFYIV(MSE)GEKILKRDPLDEIKRAFQLFDDDHTGKISIKNLRRVAKELGETLTDEELRA
(MSE)IEEFDLDGDGEINENEFIAICTDS
;
A,B,D,E
2 'polypeptide(L)' GPLGSKLNDILHVYEKSKERELQSQLFNAWRNRFCFYTEECNIQAISKRNYQLEK(MSE)VLKKFRERLLEIVKSEE C,F
#
# COMPACT_ATOMS: atom_id res chain seq x y z
N LEU A 13 39.99 9.65 -21.82
CA LEU A 13 40.44 10.26 -23.11
C LEU A 13 40.28 9.25 -24.27
N ASN A 14 40.28 9.77 -25.51
CA ASN A 14 40.32 8.94 -26.73
C ASN A 14 41.05 9.65 -27.87
N SER A 15 42.37 9.71 -27.73
CA SER A 15 43.27 10.44 -28.61
C SER A 15 43.57 9.68 -29.91
N GLU A 16 43.23 8.38 -29.91
CA GLU A 16 43.58 7.49 -31.02
C GLU A 16 42.38 6.74 -31.58
N LEU A 17 42.49 6.34 -32.85
CA LEU A 17 41.51 5.50 -33.50
C LEU A 17 41.61 4.08 -32.99
N LEU A 18 40.48 3.52 -32.56
CA LEU A 18 40.39 2.12 -32.23
C LEU A 18 40.44 1.29 -33.52
N GLU A 19 40.53 -0.04 -33.38
CA GLU A 19 40.64 -0.91 -34.55
C GLU A 19 39.38 -0.95 -35.41
N GLU A 20 38.20 -0.90 -34.80
CA GLU A 20 36.96 -0.89 -35.55
C GLU A 20 36.93 0.35 -36.42
N GLN A 21 37.50 1.43 -35.89
CA GLN A 21 37.46 2.73 -36.55
C GLN A 21 38.37 2.78 -37.77
N LYS A 22 39.62 2.30 -37.62
CA LYS A 22 40.56 2.21 -38.73
C LYS A 22 39.99 1.31 -39.80
N GLN A 23 39.35 0.23 -39.36
CA GLN A 23 38.67 -0.70 -40.25
C GLN A 23 37.52 -0.05 -41.03
N GLU A 24 36.75 0.79 -40.36
CA GLU A 24 35.66 1.49 -41.00
C GLU A 24 36.19 2.38 -42.13
N ILE A 25 37.31 3.04 -41.88
CA ILE A 25 37.92 3.94 -42.86
C ILE A 25 38.39 3.16 -44.09
N TYR A 26 39.10 2.08 -43.85
CA TYR A 26 39.59 1.25 -44.93
C TYR A 26 38.42 0.73 -45.78
N GLU A 27 37.42 0.15 -45.14
CA GLU A 27 36.30 -0.43 -45.86
C GLU A 27 35.56 0.58 -46.71
N ALA A 28 35.33 1.76 -46.15
CA ALA A 28 34.57 2.82 -46.83
C ALA A 28 35.33 3.22 -48.09
N PHE A 29 36.63 3.45 -47.95
CA PHE A 29 37.45 3.84 -49.09
C PHE A 29 37.44 2.74 -50.14
N SER A 30 37.64 1.49 -49.71
CA SER A 30 37.72 0.36 -50.62
C SER A 30 36.49 0.20 -51.49
N LEU A 31 35.33 0.54 -50.92
CA LEU A 31 34.07 0.46 -51.64
C LEU A 31 33.97 1.31 -52.90
N PHE A 32 34.73 2.41 -52.93
CA PHE A 32 34.59 3.42 -53.98
C PHE A 32 35.82 3.63 -54.87
N ASP A 33 36.92 2.95 -54.57
CA ASP A 33 38.08 2.96 -55.46
C ASP A 33 37.79 2.01 -56.62
N ASN A 35 38.68 2.05 -60.02
CA ASN A 35 39.82 1.63 -60.84
C ASN A 35 40.94 1.05 -59.97
N ASN A 36 40.69 0.91 -58.68
CA ASN A 36 41.59 0.20 -57.78
C ASN A 36 43.01 0.78 -57.74
N ASP A 37 43.12 2.09 -57.65
CA ASP A 37 44.41 2.75 -57.78
C ASP A 37 44.81 3.51 -56.53
N GLY A 38 44.11 3.26 -55.42
CA GLY A 38 44.41 3.96 -54.17
C GLY A 38 44.14 5.45 -54.22
N PHE A 39 43.22 5.85 -55.09
CA PHE A 39 42.79 7.24 -55.22
C PHE A 39 41.30 7.30 -55.45
N LEU A 40 40.65 8.36 -54.95
CA LEU A 40 39.24 8.63 -55.25
C LEU A 40 39.14 9.94 -56.00
N ASP A 41 38.22 10.00 -56.97
CA ASP A 41 37.89 11.28 -57.61
C ASP A 41 36.77 11.95 -56.82
N TYR A 42 36.33 13.12 -57.30
CA TYR A 42 35.35 13.91 -56.56
C TYR A 42 34.05 13.16 -56.32
N HIS A 43 33.55 12.51 -57.37
CA HIS A 43 32.29 11.77 -57.29
C HIS A 43 32.40 10.56 -56.39
N GLU A 44 33.53 9.87 -56.46
CA GLU A 44 33.79 8.73 -55.60
C GLU A 44 33.91 9.19 -54.16
N LEU A 45 34.64 10.28 -53.94
CA LEU A 45 34.84 10.80 -52.59
C LEU A 45 33.54 11.28 -51.96
N LYS A 46 32.67 11.93 -52.75
CA LYS A 46 31.40 12.45 -52.22
C LYS A 46 30.60 11.36 -51.52
N VAL A 47 30.51 10.20 -52.16
CA VAL A 47 29.79 9.06 -51.59
C VAL A 47 30.58 8.35 -50.50
N ALA A 48 31.91 8.39 -50.56
CA ALA A 48 32.73 7.78 -49.50
C ALA A 48 32.52 8.46 -48.18
N LYS A 50 29.73 10.39 -47.42
CA LYS A 50 28.36 10.06 -47.06
C LYS A 50 28.33 8.76 -46.28
N ALA A 51 29.02 7.74 -46.80
CA ALA A 51 29.14 6.45 -46.11
C ALA A 51 29.60 6.60 -44.65
N LEU A 52 30.55 7.49 -44.41
CA LEU A 52 31.06 7.62 -43.06
C LEU A 52 30.24 8.57 -42.18
N GLY A 53 29.24 9.22 -42.77
CA GLY A 53 28.44 10.20 -42.05
C GLY A 53 28.93 11.62 -42.16
N PHE A 54 29.79 11.90 -43.13
CA PHE A 54 30.41 13.22 -43.26
C PHE A 54 30.09 13.91 -44.58
N GLU A 55 28.80 14.12 -44.82
CA GLU A 55 28.33 14.82 -46.00
C GLU A 55 28.78 16.30 -46.04
N LEU A 56 29.42 16.69 -47.13
CA LEU A 56 29.86 18.08 -47.31
C LEU A 56 29.36 18.66 -48.63
N PRO A 57 29.07 19.98 -48.67
CA PRO A 57 28.65 20.63 -49.92
C PRO A 57 29.73 20.55 -51.00
N LYS A 58 29.33 20.50 -52.27
CA LYS A 58 30.27 20.34 -53.39
C LYS A 58 31.59 21.09 -53.19
N ARG A 59 31.49 22.39 -52.92
CA ARG A 59 32.69 23.23 -52.86
C ARG A 59 33.60 22.90 -51.70
N GLU A 60 33.06 22.38 -50.61
CA GLU A 60 33.86 22.00 -49.45
C GLU A 60 34.68 20.73 -49.69
N ILE A 61 34.06 19.75 -50.36
CA ILE A 61 34.78 18.56 -50.82
C ILE A 61 35.92 18.97 -51.72
N LEU A 62 35.62 19.82 -52.69
CA LEU A 62 36.62 20.30 -53.64
C LEU A 62 37.74 21.04 -52.93
N ASP A 63 37.38 21.87 -51.94
CA ASP A 63 38.36 22.61 -51.16
C ASP A 63 39.25 21.66 -50.39
N LEU A 64 38.67 20.54 -49.94
CA LEU A 64 39.41 19.52 -49.21
C LEU A 64 40.40 18.82 -50.13
N ILE A 65 39.94 18.48 -51.34
CA ILE A 65 40.79 17.85 -52.33
C ILE A 65 41.97 18.74 -52.68
N ASP A 66 41.70 20.02 -52.93
CA ASP A 66 42.75 20.98 -53.28
C ASP A 66 43.79 21.15 -52.18
N GLU A 67 43.36 20.94 -50.94
CA GLU A 67 44.20 21.14 -49.77
C GLU A 67 45.27 20.05 -49.62
N TYR A 68 44.99 18.86 -50.14
CA TYR A 68 45.91 17.73 -50.02
C TYR A 68 46.44 17.25 -51.36
N ASP A 69 46.49 18.15 -52.33
CA ASP A 69 46.88 17.77 -53.68
C ASP A 69 48.13 18.51 -54.14
N SER A 70 49.19 17.75 -54.44
CA SER A 70 50.48 18.33 -54.84
C SER A 70 50.53 18.58 -56.36
N GLU A 71 50.00 17.61 -57.10
CA GLU A 71 49.99 17.66 -58.57
C GLU A 71 48.53 17.74 -59.03
N GLY A 72 48.20 18.83 -59.73
CA GLY A 72 46.83 19.20 -60.09
C GLY A 72 45.92 18.15 -60.71
N ARG A 73 45.36 17.30 -59.85
CA ARG A 73 44.32 16.35 -60.23
C ARG A 73 43.29 16.32 -59.11
N HIS A 74 42.01 16.35 -59.48
CA HIS A 74 40.96 16.28 -58.49
C HIS A 74 40.89 14.90 -57.86
N LEU A 75 42.03 14.41 -57.37
CA LEU A 75 42.10 13.12 -56.71
C LEU A 75 42.46 13.23 -55.24
N LYS A 77 44.40 10.88 -52.28
CA LYS A 77 45.22 9.74 -51.89
C LYS A 77 44.61 9.08 -50.67
N TYR A 78 44.63 7.75 -50.64
CA TYR A 78 44.17 7.00 -49.47
C TYR A 78 44.79 7.49 -48.16
N ASP A 79 46.11 7.64 -48.14
CA ASP A 79 46.79 8.13 -46.95
C ASP A 79 46.22 9.43 -46.43
N ASP A 80 45.75 10.29 -47.33
CA ASP A 80 45.17 11.58 -46.95
C ASP A 80 43.75 11.41 -46.43
N PHE A 81 42.93 10.70 -47.21
CA PHE A 81 41.62 10.28 -46.77
C PHE A 81 41.70 9.75 -45.33
N TYR A 82 42.61 8.82 -45.08
CA TYR A 82 42.77 8.22 -43.76
C TYR A 82 42.96 9.27 -42.66
N ILE A 83 43.79 10.27 -42.91
CA ILE A 83 44.01 11.32 -41.92
C ILE A 83 42.75 12.15 -41.70
N VAL A 84 42.15 12.64 -42.78
CA VAL A 84 41.04 13.59 -42.71
C VAL A 84 39.81 12.95 -42.07
N GLY A 86 39.91 10.37 -40.28
CA GLY A 86 40.35 9.98 -38.95
C GLY A 86 40.01 11.00 -37.88
N GLU A 87 40.30 12.27 -38.16
CA GLU A 87 40.02 13.32 -37.17
C GLU A 87 38.54 13.59 -37.09
N LYS A 88 37.85 13.48 -38.22
CA LYS A 88 36.39 13.56 -38.21
C LYS A 88 35.77 12.44 -37.37
N ILE A 89 36.33 11.24 -37.45
CA ILE A 89 35.80 10.13 -36.68
C ILE A 89 36.00 10.35 -35.18
N LEU A 90 37.19 10.82 -34.80
CA LEU A 90 37.48 11.06 -33.38
C LEU A 90 36.54 12.07 -32.72
N LYS A 91 36.03 13.01 -33.52
CA LYS A 91 35.12 14.05 -33.06
C LYS A 91 33.66 13.58 -33.00
N ARG A 92 33.43 12.31 -33.36
CA ARG A 92 32.09 11.74 -33.40
C ARG A 92 31.48 11.71 -32.00
N ASP A 93 30.29 12.29 -31.87
CA ASP A 93 29.51 12.28 -30.63
C ASP A 93 28.70 10.98 -30.62
N PRO A 94 28.98 10.08 -29.66
CA PRO A 94 28.37 8.75 -29.70
C PRO A 94 26.86 8.81 -29.59
N LEU A 95 26.33 9.94 -29.14
CA LEU A 95 24.90 10.11 -28.95
C LEU A 95 24.14 10.18 -30.27
N ASP A 96 24.78 10.72 -31.30
CA ASP A 96 24.19 10.81 -32.63
C ASP A 96 23.80 9.43 -33.14
N GLU A 97 24.68 8.46 -32.91
CA GLU A 97 24.46 7.09 -33.29
C GLU A 97 23.26 6.50 -32.55
N ILE A 98 23.13 6.83 -31.28
CA ILE A 98 22.00 6.33 -30.47
C ILE A 98 20.68 6.89 -31.02
N LYS A 99 20.68 8.19 -31.29
CA LYS A 99 19.50 8.88 -31.78
C LYS A 99 19.10 8.39 -33.19
N ARG A 100 20.11 8.16 -34.03
CA ARG A 100 19.88 7.63 -35.37
C ARG A 100 19.23 6.27 -35.25
N ALA A 101 19.68 5.48 -34.28
CA ALA A 101 19.17 4.13 -34.09
C ALA A 101 17.73 4.19 -33.68
N PHE A 102 17.40 5.17 -32.85
CA PHE A 102 16.04 5.35 -32.39
C PHE A 102 15.10 5.53 -33.57
N GLN A 103 15.50 6.33 -34.55
CA GLN A 103 14.71 6.52 -35.77
C GLN A 103 14.42 5.18 -36.42
N LEU A 104 15.42 4.30 -36.42
CA LEU A 104 15.33 3.02 -37.13
C LEU A 104 14.42 2.04 -36.41
N PHE A 105 14.29 2.21 -35.10
CA PHE A 105 13.32 1.43 -34.36
C PHE A 105 11.91 1.97 -34.62
N ASP A 106 11.79 3.31 -34.63
CA ASP A 106 10.53 4.01 -34.80
C ASP A 106 10.10 4.13 -36.28
N ASP A 107 9.84 2.97 -36.91
CA ASP A 107 9.30 2.87 -38.28
C ASP A 107 8.35 3.97 -38.69
N ASP A 108 7.32 4.12 -37.87
CA ASP A 108 6.15 4.90 -38.21
C ASP A 108 6.24 6.35 -37.76
N HIS A 109 7.35 6.67 -37.10
CA HIS A 109 7.75 8.05 -36.81
C HIS A 109 6.80 8.73 -35.83
N THR A 110 6.54 8.06 -34.72
CA THR A 110 5.60 8.58 -33.75
C THR A 110 6.33 9.22 -32.57
N GLY A 111 7.66 9.17 -32.57
CA GLY A 111 8.44 9.67 -31.46
C GLY A 111 8.61 8.65 -30.37
N LYS A 112 7.99 7.48 -30.56
CA LYS A 112 8.02 6.39 -29.58
C LYS A 112 8.19 5.01 -30.22
N ILE A 113 8.87 4.13 -29.50
CA ILE A 113 9.00 2.73 -29.88
C ILE A 113 7.91 1.93 -29.20
N SER A 114 6.96 1.49 -30.00
CA SER A 114 5.83 0.70 -29.52
C SER A 114 6.16 -0.77 -29.65
N ILE A 115 5.31 -1.62 -29.07
CA ILE A 115 5.52 -3.05 -29.22
C ILE A 115 5.53 -3.50 -30.69
N LYS A 116 4.69 -2.91 -31.54
CA LYS A 116 4.70 -3.30 -32.94
C LYS A 116 6.02 -2.95 -33.61
N ASN A 117 6.58 -1.80 -33.23
CA ASN A 117 7.91 -1.40 -33.70
C ASN A 117 8.95 -2.46 -33.33
N LEU A 118 9.01 -2.77 -32.04
CA LEU A 118 10.03 -3.65 -31.49
C LEU A 118 9.90 -5.05 -32.06
N ARG A 119 8.67 -5.54 -32.22
CA ARG A 119 8.43 -6.84 -32.84
C ARG A 119 9.02 -6.89 -34.24
N ARG A 120 8.88 -5.80 -34.98
CA ARG A 120 9.41 -5.71 -36.34
C ARG A 120 10.94 -5.80 -36.32
N VAL A 121 11.57 -5.10 -35.38
CA VAL A 121 13.02 -5.13 -35.25
C VAL A 121 13.48 -6.56 -34.97
N ALA A 122 12.90 -7.17 -33.94
CA ALA A 122 13.26 -8.52 -33.57
C ALA A 122 13.16 -9.46 -34.75
N LYS A 123 12.02 -9.42 -35.44
CA LYS A 123 11.81 -10.33 -36.57
C LYS A 123 12.81 -10.10 -37.69
N GLU A 124 13.18 -8.85 -37.89
CA GLU A 124 14.15 -8.46 -38.91
C GLU A 124 15.53 -9.02 -38.56
N LEU A 125 15.88 -9.00 -37.28
CA LEU A 125 17.15 -9.55 -36.80
C LEU A 125 17.12 -11.07 -36.71
N GLY A 126 15.96 -11.66 -36.97
CA GLY A 126 15.81 -13.09 -36.97
C GLY A 126 15.60 -13.70 -35.60
N GLU A 127 15.48 -12.83 -34.57
CA GLU A 127 15.20 -13.29 -33.22
C GLU A 127 13.77 -13.85 -33.13
N THR A 128 13.54 -14.73 -32.17
CA THR A 128 12.23 -15.32 -31.98
C THR A 128 11.77 -15.01 -30.57
N LEU A 129 11.06 -13.91 -30.42
CA LEU A 129 10.62 -13.49 -29.10
C LEU A 129 9.12 -13.38 -28.99
N THR A 130 8.54 -14.07 -28.00
CA THR A 130 7.12 -13.98 -27.74
C THR A 130 6.72 -12.55 -27.36
N ASP A 131 5.47 -12.19 -27.63
CA ASP A 131 5.02 -10.83 -27.36
C ASP A 131 5.13 -10.44 -25.88
N GLU A 132 5.04 -11.42 -25.00
CA GLU A 132 5.24 -11.20 -23.56
C GLU A 132 6.66 -10.75 -23.29
N GLU A 133 7.62 -11.42 -23.93
CA GLU A 133 9.03 -11.04 -23.81
C GLU A 133 9.23 -9.62 -24.29
N LEU A 134 8.57 -9.28 -25.41
CA LEU A 134 8.69 -7.95 -25.97
C LEU A 134 8.04 -6.91 -25.08
N ARG A 135 6.91 -7.30 -24.48
CA ARG A 135 6.15 -6.41 -23.59
C ARG A 135 6.96 -6.14 -22.34
N ALA A 136 7.59 -7.19 -21.81
CA ALA A 136 8.41 -7.07 -20.60
C ALA A 136 9.68 -6.25 -20.84
N ILE A 138 9.95 -3.66 -22.80
CA ILE A 138 9.51 -2.27 -22.76
C ILE A 138 9.16 -1.89 -21.31
N GLU A 139 8.43 -2.78 -20.63
CA GLU A 139 7.93 -2.46 -19.31
C GLU A 139 9.06 -2.03 -18.37
N GLU A 140 10.18 -2.74 -18.41
CA GLU A 140 11.28 -2.50 -17.46
C GLU A 140 11.94 -1.12 -17.66
N PHE A 141 11.82 -0.56 -18.85
CA PHE A 141 12.50 0.70 -19.15
C PHE A 141 11.54 1.86 -19.47
N ASP A 142 10.25 1.57 -19.46
CA ASP A 142 9.22 2.57 -19.68
C ASP A 142 8.94 3.28 -18.35
N LEU A 143 9.44 4.50 -18.23
CA LEU A 143 9.41 5.19 -16.95
C LEU A 143 8.14 6.00 -16.72
N ASP A 144 7.64 6.67 -17.75
CA ASP A 144 6.43 7.49 -17.60
C ASP A 144 5.15 6.65 -17.58
N GLY A 145 5.23 5.44 -18.13
CA GLY A 145 4.17 4.43 -17.96
C GLY A 145 3.22 4.22 -19.13
N ASP A 146 3.44 4.94 -20.22
CA ASP A 146 2.53 4.91 -21.37
C ASP A 146 2.62 3.62 -22.20
N GLY A 147 3.51 2.71 -21.79
CA GLY A 147 3.62 1.41 -22.42
C GLY A 147 4.45 1.44 -23.68
N GLU A 148 5.12 2.56 -23.94
CA GLU A 148 6.06 2.68 -25.07
C GLU A 148 7.34 3.37 -24.64
N ILE A 149 8.35 3.32 -25.49
CA ILE A 149 9.67 3.89 -25.17
C ILE A 149 9.94 5.14 -26.02
N ASN A 150 10.01 6.31 -25.36
CA ASN A 150 10.37 7.57 -26.03
C ASN A 150 11.87 7.72 -26.19
N GLU A 151 12.33 8.77 -26.87
CA GLU A 151 13.76 8.95 -27.17
C GLU A 151 14.66 8.96 -25.94
N ASN A 152 14.35 9.84 -24.98
CA ASN A 152 15.11 9.90 -23.74
C ASN A 152 15.22 8.57 -23.01
N GLU A 153 14.14 7.80 -23.06
CA GLU A 153 14.12 6.47 -22.45
C GLU A 153 15.04 5.51 -23.19
N PHE A 154 15.12 5.65 -24.50
CA PHE A 154 15.97 4.79 -25.30
C PHE A 154 17.43 5.10 -24.99
N ILE A 155 17.75 6.39 -24.95
CA ILE A 155 19.09 6.84 -24.62
C ILE A 155 19.53 6.25 -23.28
N ALA A 156 18.60 6.18 -22.33
CA ALA A 156 18.87 5.63 -21.00
C ALA A 156 19.20 4.15 -21.05
N ILE A 157 18.58 3.43 -21.99
CA ILE A 157 18.89 2.02 -22.17
C ILE A 157 20.34 1.85 -22.64
N CYS A 158 20.76 2.70 -23.57
CA CYS A 158 22.09 2.60 -24.18
C CYS A 158 23.16 3.45 -23.46
N THR A 159 23.14 3.48 -22.14
CA THR A 159 24.05 4.34 -21.36
C THR A 159 24.39 3.67 -20.03
N ASP A 160 25.22 4.33 -19.23
CA ASP A 160 25.66 3.81 -17.93
C ASP A 160 25.35 4.72 -16.72
N SER A 161 24.85 5.93 -17.01
CA SER A 161 24.53 6.93 -15.97
C SER A 161 23.31 7.76 -16.35
N ASN B 14 14.20 5.43 13.55
CA ASN B 14 15.66 5.32 13.27
C ASN B 14 16.42 4.45 14.29
N SER B 15 16.57 4.96 15.52
CA SER B 15 17.32 4.29 16.58
C SER B 15 16.46 3.29 17.38
N GLU B 16 15.68 2.49 16.64
CA GLU B 16 14.89 1.43 17.25
C GLU B 16 14.96 0.17 16.40
N LEU B 17 15.95 0.13 15.51
CA LEU B 17 16.23 -1.03 14.68
C LEU B 17 17.31 -1.90 15.32
N LEU B 18 17.19 -3.21 15.18
CA LEU B 18 18.24 -4.13 15.61
C LEU B 18 19.52 -3.92 14.80
N GLU B 19 20.64 -4.40 15.32
CA GLU B 19 21.92 -4.32 14.62
C GLU B 19 21.87 -5.11 13.31
N GLU B 20 21.19 -6.25 13.35
CA GLU B 20 21.03 -7.13 12.19
C GLU B 20 20.41 -6.33 11.05
N GLN B 21 19.37 -5.59 11.38
CA GLN B 21 18.57 -4.85 10.42
C GLN B 21 19.36 -3.72 9.80
N LYS B 22 20.14 -3.01 10.62
CA LYS B 22 21.06 -1.98 10.13
C LYS B 22 21.99 -2.59 9.08
N GLN B 23 22.59 -3.72 9.44
CA GLN B 23 23.48 -4.48 8.59
C GLN B 23 22.77 -4.98 7.33
N GLU B 24 21.51 -5.36 7.48
CA GLU B 24 20.72 -5.88 6.39
C GLU B 24 20.50 -4.80 5.34
N ILE B 25 20.16 -3.60 5.80
CA ILE B 25 19.89 -2.46 4.93
C ILE B 25 21.16 -2.08 4.18
N TYR B 26 22.28 -2.05 4.90
CA TYR B 26 23.55 -1.70 4.31
C TYR B 26 23.95 -2.67 3.20
N GLU B 27 23.80 -3.96 3.47
CA GLU B 27 24.23 -4.99 2.53
C GLU B 27 23.43 -4.96 1.23
N ALA B 28 22.11 -4.85 1.33
CA ALA B 28 21.22 -4.81 0.16
C ALA B 28 21.64 -3.68 -0.79
N PHE B 29 21.84 -2.50 -0.23
CA PHE B 29 22.27 -1.35 -1.00
C PHE B 29 23.63 -1.59 -1.67
N SER B 30 24.60 -2.09 -0.91
CA SER B 30 25.94 -2.35 -1.41
C SER B 30 25.93 -3.31 -2.60
N LEU B 31 25.03 -4.27 -2.56
CA LEU B 31 24.94 -5.34 -3.54
C LEU B 31 24.68 -4.81 -4.94
N PHE B 32 23.93 -3.72 -5.03
CA PHE B 32 23.50 -3.21 -6.33
C PHE B 32 24.03 -1.81 -6.63
N ASP B 33 25.10 -1.44 -5.95
CA ASP B 33 25.82 -0.18 -6.20
C ASP B 33 26.98 -0.44 -7.17
N ASN B 35 28.51 1.50 -9.46
CA ASN B 35 29.52 2.54 -9.60
C ASN B 35 30.25 2.76 -8.29
N ASN B 36 29.75 2.13 -7.23
CA ASN B 36 30.21 2.37 -5.87
C ASN B 36 30.08 3.84 -5.46
N ASP B 37 29.42 4.62 -6.30
CA ASP B 37 29.06 6.00 -6.00
C ASP B 37 27.98 6.01 -4.92
N GLY B 38 27.55 7.18 -4.48
CA GLY B 38 26.63 7.27 -3.34
C GLY B 38 25.21 6.76 -3.51
N PHE B 39 24.84 6.40 -4.75
CA PHE B 39 23.42 6.21 -5.09
C PHE B 39 23.05 5.06 -6.04
N LEU B 40 21.74 4.76 -6.07
CA LEU B 40 21.10 3.81 -6.99
C LEU B 40 20.10 4.51 -7.91
N ASP B 41 19.94 3.98 -9.12
CA ASP B 41 18.90 4.44 -10.03
C ASP B 41 17.66 3.57 -9.90
N TYR B 42 16.66 3.78 -10.74
CA TYR B 42 15.40 3.05 -10.63
C TYR B 42 15.59 1.54 -10.59
N HIS B 43 16.40 1.01 -11.51
CA HIS B 43 16.55 -0.42 -11.69
C HIS B 43 17.27 -1.09 -10.52
N GLU B 44 18.33 -0.44 -10.05
CA GLU B 44 19.08 -0.93 -8.91
C GLU B 44 18.22 -0.86 -7.64
N LEU B 45 17.40 0.18 -7.54
CA LEU B 45 16.53 0.36 -6.39
C LEU B 45 15.51 -0.78 -6.31
N LYS B 46 14.90 -1.11 -7.45
CA LYS B 46 13.88 -2.15 -7.49
C LYS B 46 14.39 -3.43 -6.85
N VAL B 47 15.54 -3.91 -7.31
CA VAL B 47 16.10 -5.16 -6.78
C VAL B 47 16.67 -5.01 -5.38
N ALA B 48 17.11 -3.81 -5.04
CA ALA B 48 17.59 -3.55 -3.68
C ALA B 48 16.47 -3.82 -2.68
N LYS B 50 13.75 -5.48 -3.27
CA LYS B 50 13.42 -6.89 -3.44
C LYS B 50 14.25 -7.74 -2.47
N ALA B 51 15.50 -7.33 -2.26
CA ALA B 51 16.41 -8.03 -1.36
C ALA B 51 15.99 -7.92 0.10
N LEU B 52 15.30 -6.85 0.45
CA LEU B 52 14.78 -6.65 1.79
C LEU B 52 13.33 -7.15 1.90
N GLY B 53 12.82 -7.72 0.83
CA GLY B 53 11.48 -8.29 0.82
C GLY B 53 10.38 -7.34 0.40
N PHE B 54 10.75 -6.18 -0.15
CA PHE B 54 9.77 -5.19 -0.57
C PHE B 54 9.57 -5.14 -2.10
N GLU B 55 8.31 -5.23 -2.53
CA GLU B 55 7.97 -5.26 -3.95
C GLU B 55 6.91 -4.22 -4.28
N LEU B 56 7.33 -3.01 -4.61
CA LEU B 56 6.37 -1.96 -4.95
C LEU B 56 6.11 -1.93 -6.45
N PRO B 57 4.92 -1.47 -6.87
CA PRO B 57 4.67 -1.21 -8.30
C PRO B 57 5.58 -0.11 -8.83
N LYS B 58 5.87 -0.16 -10.14
CA LYS B 58 6.78 0.79 -10.77
C LYS B 58 6.50 2.25 -10.38
N ARG B 59 5.25 2.69 -10.55
CA ARG B 59 4.86 4.07 -10.21
C ARG B 59 5.25 4.46 -8.79
N GLU B 60 5.08 3.51 -7.86
CA GLU B 60 5.40 3.72 -6.46
C GLU B 60 6.89 4.00 -6.24
N ILE B 61 7.72 3.16 -6.83
CA ILE B 61 9.19 3.26 -6.73
C ILE B 61 9.67 4.60 -7.32
N LEU B 62 9.10 4.96 -8.47
CA LEU B 62 9.44 6.20 -9.14
C LEU B 62 8.98 7.41 -8.33
N ASP B 63 7.80 7.30 -7.71
CA ASP B 63 7.31 8.33 -6.80
C ASP B 63 8.23 8.45 -5.61
N LEU B 64 8.73 7.31 -5.14
CA LEU B 64 9.56 7.26 -3.96
C LEU B 64 10.91 7.92 -4.21
N ILE B 65 11.44 7.76 -5.43
CA ILE B 65 12.68 8.41 -5.83
C ILE B 65 12.51 9.93 -5.84
N ASP B 66 11.42 10.39 -6.45
CA ASP B 66 11.12 11.81 -6.62
C ASP B 66 11.03 12.56 -5.29
N GLU B 67 10.34 11.98 -4.32
CA GLU B 67 10.20 12.58 -2.99
C GLU B 67 11.53 12.92 -2.34
N TYR B 68 12.56 12.11 -2.60
CA TYR B 68 13.85 12.29 -1.95
C TYR B 68 14.95 12.79 -2.88
N ASP B 69 14.66 12.86 -4.17
CA ASP B 69 15.60 13.44 -5.13
C ASP B 69 15.38 14.95 -5.20
N SER B 70 15.79 15.64 -4.14
CA SER B 70 15.72 17.10 -4.10
C SER B 70 16.84 17.72 -4.95
N GLU B 71 17.46 16.89 -5.79
CA GLU B 71 18.60 17.28 -6.60
C GLU B 71 18.30 17.31 -8.11
N GLY B 72 17.37 16.47 -8.55
CA GLY B 72 16.97 16.42 -9.97
C GLY B 72 17.72 15.39 -10.79
N ARG B 73 18.51 14.56 -10.11
CA ARG B 73 19.35 13.56 -10.77
C ARG B 73 18.60 12.24 -11.06
N HIS B 74 17.44 12.08 -10.42
CA HIS B 74 16.61 10.87 -10.53
C HIS B 74 17.26 9.61 -9.96
N LEU B 75 18.22 9.81 -9.06
CA LEU B 75 18.86 8.73 -8.30
C LEU B 75 18.44 8.80 -6.83
N LYS B 77 19.70 8.54 -2.84
CA LYS B 77 20.82 8.61 -1.90
C LYS B 77 20.74 7.51 -0.84
N TYR B 78 21.90 7.01 -0.42
CA TYR B 78 21.95 6.00 0.64
C TYR B 78 21.30 6.49 1.93
N ASP B 79 21.66 7.71 2.34
CA ASP B 79 21.08 8.37 3.52
C ASP B 79 19.56 8.26 3.52
N ASP B 80 18.95 8.56 2.37
CA ASP B 80 17.51 8.50 2.22
C ASP B 80 17.01 7.07 2.17
N PHE B 81 17.75 6.19 1.51
CA PHE B 81 17.43 4.77 1.43
C PHE B 81 17.31 4.18 2.83
N TYR B 82 18.27 4.51 3.69
CA TYR B 82 18.31 4.02 5.06
C TYR B 82 17.07 4.40 5.85
N ILE B 83 16.67 5.67 5.76
CA ILE B 83 15.53 6.18 6.53
C ILE B 83 14.24 5.50 6.13
N VAL B 84 13.99 5.41 4.82
CA VAL B 84 12.72 4.88 4.29
C VAL B 84 12.61 3.35 4.41
N GLY B 86 14.32 1.70 6.73
CA GLY B 86 14.21 1.60 8.17
C GLY B 86 12.75 1.46 8.55
N GLU B 87 11.96 2.49 8.23
CA GLU B 87 10.54 2.53 8.60
C GLU B 87 9.75 1.36 8.06
N LYS B 88 10.06 0.94 6.84
CA LYS B 88 9.38 -0.21 6.25
C LYS B 88 9.70 -1.48 7.03
N ILE B 89 10.99 -1.67 7.36
CA ILE B 89 11.45 -2.86 8.08
C ILE B 89 10.77 -2.96 9.43
N LEU B 90 10.71 -1.83 10.14
CA LEU B 90 10.07 -1.79 11.46
C LEU B 90 8.58 -2.07 11.35
N LYS B 91 8.01 -1.83 10.16
CA LYS B 91 6.60 -2.07 9.93
C LYS B 91 6.31 -3.47 9.40
N ARG B 92 7.36 -4.26 9.15
CA ARG B 92 7.22 -5.67 8.81
C ARG B 92 6.41 -6.37 9.90
N ASP B 93 5.41 -7.15 9.50
CA ASP B 93 4.70 -7.99 10.45
C ASP B 93 5.62 -9.16 10.78
N PRO B 94 6.01 -9.30 12.06
CA PRO B 94 6.96 -10.33 12.45
C PRO B 94 6.49 -11.74 12.08
N LEU B 95 5.17 -11.93 12.11
CA LEU B 95 4.57 -13.23 11.88
C LEU B 95 4.63 -13.68 10.41
N ASP B 96 4.49 -12.73 9.49
CA ASP B 96 4.69 -12.99 8.06
C ASP B 96 6.12 -13.41 7.75
N GLU B 97 7.08 -12.77 8.44
CA GLU B 97 8.48 -13.14 8.32
C GLU B 97 8.68 -14.59 8.77
N ILE B 98 8.13 -14.98 9.93
CA ILE B 98 8.23 -16.35 10.42
C ILE B 98 7.69 -17.28 9.34
N LYS B 99 6.52 -16.96 8.82
CA LYS B 99 5.84 -17.80 7.82
C LYS B 99 6.59 -17.90 6.49
N ARG B 100 7.12 -16.78 6.00
CA ARG B 100 7.94 -16.80 4.79
C ARG B 100 9.15 -17.68 5.01
N ALA B 101 9.77 -17.54 6.19
CA ALA B 101 10.96 -18.30 6.56
C ALA B 101 10.64 -19.78 6.67
N PHE B 102 9.46 -20.10 7.19
CA PHE B 102 9.02 -21.50 7.28
C PHE B 102 9.11 -22.18 5.93
N GLN B 103 8.60 -21.50 4.90
CA GLN B 103 8.58 -22.04 3.54
C GLN B 103 9.98 -22.29 3.01
N LEU B 104 10.92 -21.44 3.40
CA LEU B 104 12.33 -21.57 2.99
C LEU B 104 12.96 -22.81 3.59
N PHE B 105 12.62 -23.09 4.85
CA PHE B 105 13.13 -24.29 5.52
C PHE B 105 12.50 -25.55 4.92
N ASP B 106 11.18 -25.51 4.75
CA ASP B 106 10.43 -26.65 4.20
C ASP B 106 10.62 -26.76 2.69
N ASP B 107 11.89 -26.95 2.32
CA ASP B 107 12.36 -27.12 0.95
C ASP B 107 11.45 -28.00 0.10
N ASP B 108 11.11 -29.17 0.66
CA ASP B 108 10.35 -30.21 -0.04
C ASP B 108 8.84 -30.08 0.14
N HIS B 109 8.40 -29.03 0.84
CA HIS B 109 6.97 -28.76 1.07
C HIS B 109 6.26 -29.99 1.61
N THR B 110 6.64 -30.40 2.81
CA THR B 110 5.97 -31.49 3.50
C THR B 110 5.08 -30.95 4.61
N GLY B 111 5.20 -29.65 4.88
CA GLY B 111 4.41 -28.99 5.92
C GLY B 111 5.03 -29.10 7.29
N LYS B 112 6.12 -29.85 7.38
CA LYS B 112 6.92 -29.94 8.62
C LYS B 112 8.38 -29.68 8.29
N ILE B 113 9.10 -29.05 9.23
CA ILE B 113 10.54 -28.88 9.09
C ILE B 113 11.21 -30.16 9.59
N SER B 114 11.74 -30.94 8.66
CA SER B 114 12.41 -32.19 9.01
C SER B 114 13.82 -31.91 9.55
N ILE B 115 14.38 -32.89 10.23
CA ILE B 115 15.76 -32.79 10.70
C ILE B 115 16.74 -32.52 9.54
N LYS B 116 16.43 -33.05 8.36
CA LYS B 116 17.28 -32.78 7.20
C LYS B 116 17.06 -31.38 6.64
N ASN B 117 15.83 -30.86 6.75
CA ASN B 117 15.55 -29.48 6.37
C ASN B 117 16.49 -28.55 7.13
N LEU B 118 16.56 -28.80 8.44
CA LEU B 118 17.37 -28.00 9.34
C LEU B 118 18.84 -28.10 9.02
N ARG B 119 19.33 -29.33 8.85
CA ARG B 119 20.74 -29.55 8.59
C ARG B 119 21.19 -28.94 7.25
N ARG B 120 20.26 -28.84 6.32
CA ARG B 120 20.50 -28.24 5.00
C ARG B 120 20.78 -26.73 5.10
N VAL B 121 19.90 -26.01 5.78
CA VAL B 121 20.02 -24.57 5.98
C VAL B 121 21.35 -24.25 6.65
N ALA B 122 21.62 -24.94 7.75
CA ALA B 122 22.88 -24.80 8.46
C ALA B 122 24.10 -24.86 7.52
N LYS B 123 24.14 -25.86 6.63
CA LYS B 123 25.17 -25.95 5.60
C LYS B 123 25.28 -24.66 4.79
N GLU B 124 24.14 -24.20 4.26
CA GLU B 124 24.08 -22.99 3.43
C GLU B 124 24.64 -21.77 4.13
N LEU B 125 24.37 -21.64 5.43
CA LEU B 125 24.79 -20.45 6.16
C LEU B 125 26.16 -20.61 6.80
N GLY B 126 26.80 -21.76 6.57
CA GLY B 126 28.09 -22.05 7.18
C GLY B 126 27.92 -22.60 8.59
N GLU B 127 26.81 -22.27 9.22
CA GLU B 127 26.45 -22.74 10.56
C GLU B 127 26.51 -24.26 10.68
N THR B 128 26.71 -24.73 11.89
CA THR B 128 26.63 -26.15 12.19
C THR B 128 25.86 -26.33 13.48
N LEU B 129 24.89 -27.22 13.47
CA LEU B 129 24.17 -27.56 14.69
C LEU B 129 24.13 -29.05 14.93
N THR B 130 24.55 -29.42 16.14
CA THR B 130 24.77 -30.81 16.51
C THR B 130 23.48 -31.58 16.77
N ASP B 131 23.60 -32.90 16.80
CA ASP B 131 22.49 -33.80 17.10
C ASP B 131 21.82 -33.46 18.42
N GLU B 132 22.63 -33.23 19.46
CA GLU B 132 22.14 -32.85 20.78
C GLU B 132 21.29 -31.58 20.77
N GLU B 133 21.78 -30.57 20.05
CA GLU B 133 21.03 -29.33 19.90
C GLU B 133 19.68 -29.57 19.23
N LEU B 134 19.66 -30.42 18.21
CA LEU B 134 18.43 -30.71 17.48
C LEU B 134 17.43 -31.56 18.26
N ARG B 135 17.91 -32.43 19.15
CA ARG B 135 16.98 -33.17 20.00
C ARG B 135 16.44 -32.28 21.11
N ALA B 136 17.33 -31.52 21.76
CA ALA B 136 16.92 -30.55 22.77
C ALA B 136 15.91 -29.57 22.20
N ILE B 138 13.68 -30.43 19.41
CA ILE B 138 12.49 -31.24 19.15
C ILE B 138 11.80 -31.60 20.45
N GLU B 139 12.58 -31.91 21.48
CA GLU B 139 12.03 -32.23 22.79
C GLU B 139 11.23 -31.04 23.33
N GLU B 140 11.84 -29.86 23.29
CA GLU B 140 11.23 -28.65 23.83
C GLU B 140 9.98 -28.21 23.06
N PHE B 141 10.00 -28.37 21.74
CA PHE B 141 8.99 -27.73 20.89
C PHE B 141 8.04 -28.62 20.08
N ASP B 142 8.45 -29.85 19.75
CA ASP B 142 7.56 -30.75 19.01
C ASP B 142 6.45 -31.31 19.89
N LEU B 143 5.21 -30.94 19.58
CA LEU B 143 4.07 -31.32 20.41
C LEU B 143 3.19 -32.39 19.76
N ASP B 144 3.44 -32.66 18.49
CA ASP B 144 2.74 -33.73 17.77
C ASP B 144 3.29 -35.07 18.20
N GLY B 145 4.61 -35.16 18.27
CA GLY B 145 5.30 -36.42 18.57
C GLY B 145 5.94 -37.01 17.33
N ASP B 146 5.77 -36.32 16.20
CA ASP B 146 6.29 -36.81 14.92
C ASP B 146 7.81 -36.61 14.78
N GLY B 147 8.41 -35.98 15.79
CA GLY B 147 9.85 -35.70 15.79
C GLY B 147 10.23 -34.58 14.84
N GLU B 148 9.21 -33.87 14.35
CA GLU B 148 9.41 -32.77 13.41
C GLU B 148 8.70 -31.51 13.92
N ILE B 149 8.93 -30.41 13.22
CA ILE B 149 8.39 -29.11 13.60
C ILE B 149 7.45 -28.57 12.53
N ASN B 150 6.17 -28.47 12.87
CA ASN B 150 5.21 -27.86 11.95
C ASN B 150 5.18 -26.33 12.11
N GLU B 151 4.32 -25.67 11.33
CA GLU B 151 4.29 -24.21 11.31
C GLU B 151 3.99 -23.58 12.67
N ASN B 152 3.03 -24.11 13.41
CA ASN B 152 2.70 -23.57 14.72
C ASN B 152 3.85 -23.69 15.70
N GLU B 153 4.47 -24.86 15.68
CA GLU B 153 5.66 -25.15 16.48
C GLU B 153 6.81 -24.20 16.09
N PHE B 154 6.91 -23.93 14.79
CA PHE B 154 7.92 -23.03 14.28
C PHE B 154 7.70 -21.60 14.76
N ILE B 155 6.44 -21.19 14.81
CA ILE B 155 6.08 -19.86 15.27
C ILE B 155 6.46 -19.67 16.74
N ALA B 156 6.14 -20.67 17.55
CA ALA B 156 6.49 -20.69 18.96
C ALA B 156 8.00 -20.54 19.16
N ILE B 157 8.78 -21.14 18.26
CA ILE B 157 10.23 -21.03 18.33
C ILE B 157 10.64 -19.59 18.02
N CYS B 158 10.10 -19.07 16.93
CA CYS B 158 10.56 -17.77 16.44
C CYS B 158 10.00 -16.57 17.18
N THR B 159 8.91 -16.74 17.93
CA THR B 159 8.33 -15.63 18.70
C THR B 159 8.91 -15.65 20.10
N ASP B 160 9.15 -14.48 20.68
CA ASP B 160 9.63 -14.44 22.08
C ASP B 160 8.51 -14.80 23.03
N SER B 161 8.84 -15.64 24.02
CA SER B 161 7.86 -16.04 25.04
C SER B 161 8.48 -16.20 26.45
N GLY C 1 21.11 1.99 -62.68
CA GLY C 1 20.12 2.67 -63.57
C GLY C 1 18.84 3.03 -62.84
N PRO C 2 17.89 2.07 -62.75
CA PRO C 2 16.63 2.27 -62.01
C PRO C 2 16.82 2.32 -60.49
N LEU C 3 18.03 1.97 -60.04
CA LEU C 3 18.40 2.14 -58.63
C LEU C 3 19.62 3.09 -58.47
N GLY C 4 19.69 4.10 -59.36
CA GLY C 4 20.71 5.15 -59.30
C GLY C 4 21.99 4.84 -60.06
N SER C 5 23.02 5.62 -59.79
CA SER C 5 24.37 5.33 -60.30
C SER C 5 24.96 4.13 -59.56
N LYS C 6 25.80 3.38 -60.27
CA LYS C 6 26.53 2.27 -59.68
C LYS C 6 27.11 2.68 -58.33
N LEU C 7 27.76 3.85 -58.31
CA LEU C 7 28.35 4.44 -57.10
C LEU C 7 27.31 4.64 -56.02
N ASN C 8 26.17 5.20 -56.38
CA ASN C 8 25.10 5.51 -55.44
C ASN C 8 24.40 4.25 -54.92
N ASP C 9 24.44 3.19 -55.72
CA ASP C 9 23.91 1.90 -55.34
C ASP C 9 24.81 1.25 -54.31
N ILE C 10 26.11 1.22 -54.60
CA ILE C 10 27.10 0.74 -53.63
C ILE C 10 26.80 1.35 -52.27
N LEU C 11 26.57 2.66 -52.25
CA LEU C 11 26.32 3.40 -51.03
C LEU C 11 25.11 2.81 -50.32
N HIS C 12 24.01 2.67 -51.06
CA HIS C 12 22.74 2.16 -50.51
C HIS C 12 22.96 0.84 -49.77
N VAL C 13 23.46 -0.17 -50.48
CA VAL C 13 23.75 -1.48 -49.89
C VAL C 13 24.55 -1.31 -48.59
N TYR C 14 25.59 -0.48 -48.62
CA TYR C 14 26.43 -0.22 -47.44
C TYR C 14 25.59 0.34 -46.28
N GLU C 15 24.84 1.41 -46.52
CA GLU C 15 24.03 2.04 -45.46
C GLU C 15 23.05 1.08 -44.85
N LYS C 16 22.40 0.28 -45.69
CA LYS C 16 21.45 -0.74 -45.21
C LYS C 16 22.09 -1.74 -44.25
N SER C 17 23.23 -2.29 -44.63
CA SER C 17 23.89 -3.27 -43.78
C SER C 17 24.34 -2.64 -42.47
N LYS C 18 24.64 -1.35 -42.52
CA LYS C 18 25.05 -0.60 -41.34
C LYS C 18 23.86 -0.37 -40.44
N GLU C 19 22.75 0.07 -41.05
CA GLU C 19 21.51 0.27 -40.31
C GLU C 19 21.11 -1.01 -39.61
N ARG C 20 21.28 -2.13 -40.31
CA ARG C 20 20.97 -3.43 -39.73
C ARG C 20 21.89 -3.73 -38.57
N GLU C 21 23.19 -3.47 -38.71
CA GLU C 21 24.10 -3.79 -37.62
C GLU C 21 23.89 -2.88 -36.44
N LEU C 22 23.35 -1.69 -36.68
CA LEU C 22 23.04 -0.76 -35.60
C LEU C 22 21.84 -1.25 -34.80
N GLN C 23 20.78 -1.62 -35.50
CA GLN C 23 19.59 -2.19 -34.86
C GLN C 23 19.94 -3.45 -34.09
N SER C 24 20.78 -4.30 -34.68
CA SER C 24 21.16 -5.55 -34.06
C SER C 24 21.93 -5.33 -32.77
N GLN C 25 22.89 -4.42 -32.82
CA GLN C 25 23.73 -4.14 -31.67
C GLN C 25 22.92 -3.59 -30.51
N LEU C 26 22.12 -2.57 -30.80
CA LEU C 26 21.41 -1.86 -29.74
C LEU C 26 20.24 -2.67 -29.21
N PHE C 27 19.63 -3.48 -30.07
CA PHE C 27 18.61 -4.42 -29.62
C PHE C 27 19.26 -5.40 -28.62
N ASN C 28 20.45 -5.86 -28.97
CA ASN C 28 21.15 -6.77 -28.09
C ASN C 28 21.51 -6.14 -26.76
N ALA C 29 21.98 -4.90 -26.79
CA ALA C 29 22.28 -4.17 -25.54
C ALA C 29 21.03 -4.04 -24.69
N TRP C 30 19.94 -3.60 -25.31
CA TRP C 30 18.65 -3.52 -24.65
C TRP C 30 18.35 -4.87 -23.98
N ARG C 31 18.40 -5.94 -24.75
CA ARG C 31 18.04 -7.24 -24.22
C ARG C 31 18.97 -7.69 -23.09
N ASN C 32 20.25 -7.33 -23.18
CA ASN C 32 21.20 -7.66 -22.13
C ASN C 32 20.93 -7.01 -20.79
N ARG C 33 20.61 -5.71 -20.81
CA ARG C 33 20.29 -4.98 -19.57
C ARG C 33 18.95 -5.44 -19.01
N PHE C 34 18.06 -5.85 -19.91
CA PHE C 34 16.81 -6.44 -19.50
C PHE C 34 17.08 -7.71 -18.68
N CYS C 35 17.92 -8.61 -19.19
CA CYS C 35 18.26 -9.83 -18.45
C CYS C 35 19.10 -9.61 -17.21
N PHE C 36 19.93 -8.59 -17.25
CA PHE C 36 20.70 -8.24 -16.08
C PHE C 36 19.76 -8.01 -14.90
N TYR C 37 18.81 -7.08 -15.08
CA TYR C 37 17.94 -6.63 -14.00
C TYR C 37 16.79 -7.58 -13.64
N THR C 38 16.28 -8.33 -14.61
CA THR C 38 15.10 -9.16 -14.35
C THR C 38 15.49 -10.62 -14.10
N GLU C 39 16.71 -10.99 -14.48
CA GLU C 39 17.20 -12.33 -14.22
C GLU C 39 18.36 -12.33 -13.25
N GLU C 40 19.51 -11.82 -13.67
CA GLU C 40 20.70 -11.88 -12.84
C GLU C 40 20.47 -11.24 -11.47
N CYS C 41 20.03 -9.99 -11.46
CA CYS C 41 19.89 -9.24 -10.20
C CYS C 41 18.74 -9.73 -9.36
N ASN C 42 17.68 -10.19 -10.02
CA ASN C 42 16.52 -10.71 -9.32
C ASN C 42 16.90 -11.92 -8.47
N ILE C 43 17.67 -12.83 -9.06
CA ILE C 43 18.13 -14.01 -8.36
C ILE C 43 19.03 -13.62 -7.18
N GLN C 44 19.87 -12.61 -7.36
CA GLN C 44 20.74 -12.12 -6.28
C GLN C 44 19.88 -11.56 -5.14
N ALA C 45 18.83 -10.84 -5.53
CA ALA C 45 17.95 -10.19 -4.58
C ALA C 45 17.16 -11.20 -3.80
N ILE C 46 16.66 -12.23 -4.48
CA ILE C 46 15.90 -13.28 -3.81
C ILE C 46 16.82 -14.06 -2.86
N SER C 47 18.07 -14.29 -3.29
CA SER C 47 19.07 -14.96 -2.46
C SER C 47 19.40 -14.21 -1.16
N LYS C 48 19.66 -12.90 -1.27
CA LYS C 48 19.88 -12.07 -0.09
C LYS C 48 18.70 -12.08 0.87
N ARG C 49 17.48 -11.97 0.32
CA ARG C 49 16.29 -11.99 1.14
C ARG C 49 16.26 -13.31 1.91
N ASN C 50 16.24 -14.41 1.17
CA ASN C 50 16.11 -15.74 1.73
C ASN C 50 17.22 -16.07 2.73
N TYR C 51 18.42 -15.60 2.45
CA TYR C 51 19.56 -15.86 3.32
C TYR C 51 19.40 -15.15 4.66
N GLN C 52 18.97 -13.89 4.63
CA GLN C 52 18.82 -13.10 5.86
C GLN C 52 17.70 -13.64 6.74
N LEU C 53 16.64 -14.11 6.09
CA LEU C 53 15.47 -14.64 6.76
C LEU C 53 15.84 -15.92 7.51
N GLU C 54 16.69 -16.73 6.87
CA GLU C 54 17.22 -17.93 7.49
C GLU C 54 18.16 -17.61 8.65
N LYS C 55 19.07 -16.65 8.45
CA LYS C 55 19.91 -16.14 9.53
C LYS C 55 19.07 -15.80 10.75
N VAL C 57 16.23 -16.80 11.71
CA VAL C 57 15.65 -17.98 12.35
C VAL C 57 16.68 -18.76 13.18
N LEU C 58 17.92 -18.80 12.71
CA LEU C 58 18.97 -19.50 13.43
C LEU C 58 19.44 -18.76 14.66
N LYS C 59 19.42 -17.43 14.61
CA LYS C 59 19.64 -16.60 15.78
C LYS C 59 18.59 -16.94 16.83
N LYS C 60 17.38 -17.26 16.37
CA LYS C 60 16.29 -17.64 17.27
C LYS C 60 16.56 -18.99 17.89
N PHE C 61 16.99 -19.96 17.08
CA PHE C 61 17.39 -21.27 17.60
C PHE C 61 18.41 -21.13 18.72
N ARG C 62 19.53 -20.45 18.44
CA ARG C 62 20.57 -20.20 19.45
C ARG C 62 19.98 -19.72 20.76
N GLU C 63 19.16 -18.68 20.68
CA GLU C 63 18.54 -18.07 21.86
C GLU C 63 17.75 -19.07 22.67
N ARG C 64 17.00 -19.93 21.98
CA ARG C 64 16.14 -20.87 22.68
C ARG C 64 16.95 -21.99 23.31
N LEU C 65 17.99 -22.44 22.61
CA LEU C 65 18.90 -23.47 23.15
C LEU C 65 19.44 -23.04 24.50
N LEU C 66 19.88 -21.79 24.60
CA LEU C 66 20.23 -21.17 25.88
C LEU C 66 19.10 -21.27 26.90
N GLU C 67 17.90 -20.84 26.52
CA GLU C 67 16.74 -20.84 27.41
C GLU C 67 16.46 -22.24 27.94
N ILE C 68 16.69 -23.26 27.11
CA ILE C 68 16.48 -24.66 27.51
C ILE C 68 17.54 -25.09 28.53
N VAL C 69 18.79 -24.71 28.28
CA VAL C 69 19.89 -24.97 29.21
C VAL C 69 19.68 -24.20 30.52
N LYS C 70 19.28 -22.94 30.39
CA LYS C 70 18.90 -22.08 31.52
C LYS C 70 17.59 -22.57 32.19
N SER C 71 16.90 -23.49 31.50
CA SER C 71 15.61 -23.98 31.95
C SER C 71 15.70 -24.95 33.13
N GLU C 72 16.90 -25.48 33.40
CA GLU C 72 17.10 -26.44 34.50
C GLU C 72 17.88 -25.86 35.69
N GLU C 73 19.04 -25.28 35.40
CA GLU C 73 19.85 -24.58 36.41
C GLU C 73 20.37 -23.25 35.87
N SER D 15 -30.09 22.48 35.61
CA SER D 15 -30.49 23.22 36.84
C SER D 15 -31.38 22.39 37.74
N GLU D 16 -31.97 21.33 37.18
CA GLU D 16 -32.97 20.52 37.87
C GLU D 16 -32.67 19.03 37.89
N LEU D 17 -33.21 18.36 38.89
CA LEU D 17 -33.11 16.90 39.00
C LEU D 17 -34.03 16.24 37.98
N LEU D 18 -33.47 15.34 37.19
CA LEU D 18 -34.25 14.50 36.32
C LEU D 18 -35.03 13.47 37.16
N GLU D 19 -35.92 12.72 36.52
CA GLU D 19 -36.74 11.76 37.25
C GLU D 19 -35.96 10.59 37.84
N GLU D 20 -34.96 10.08 37.10
CA GLU D 20 -34.13 8.99 37.60
C GLU D 20 -33.45 9.43 38.88
N GLN D 21 -33.09 10.71 38.93
CA GLN D 21 -32.33 11.27 40.05
C GLN D 21 -33.19 11.41 41.31
N LYS D 22 -34.40 11.95 41.16
CA LYS D 22 -35.34 12.05 42.28
C LYS D 22 -35.66 10.67 42.79
N GLN D 23 -35.80 9.73 41.85
CA GLN D 23 -36.05 8.34 42.18
C GLN D 23 -34.90 7.71 42.99
N GLU D 24 -33.67 8.02 42.60
CA GLU D 24 -32.49 7.53 43.29
C GLU D 24 -32.48 8.00 44.73
N ILE D 25 -32.86 9.26 44.95
CA ILE D 25 -32.89 9.85 46.29
C ILE D 25 -33.92 9.14 47.16
N TYR D 26 -35.13 9.00 46.62
CA TYR D 26 -36.20 8.34 47.34
C TYR D 26 -35.80 6.92 47.74
N GLU D 27 -35.33 6.15 46.77
CA GLU D 27 -34.95 4.75 46.99
C GLU D 27 -33.88 4.57 48.03
N ALA D 28 -32.87 5.42 47.98
CA ALA D 28 -31.73 5.38 48.92
C ALA D 28 -32.21 5.64 50.34
N PHE D 29 -33.05 6.65 50.50
CA PHE D 29 -33.60 7.00 51.80
C PHE D 29 -34.46 5.85 52.32
N SER D 30 -35.32 5.32 51.44
CA SER D 30 -36.27 4.29 51.83
C SER D 30 -35.59 3.07 52.37
N LEU D 31 -34.41 2.75 51.82
CA LEU D 31 -33.63 1.61 52.26
C LEU D 31 -33.19 1.64 53.72
N PHE D 32 -33.08 2.83 54.29
CA PHE D 32 -32.49 2.96 55.62
C PHE D 32 -33.41 3.53 56.69
N ASP D 33 -34.64 3.89 56.29
CA ASP D 33 -35.64 4.29 57.28
C ASP D 33 -36.20 3.03 57.93
N ASN D 35 -37.39 2.24 61.18
CA ASN D 35 -38.64 2.38 61.92
C ASN D 35 -39.71 3.07 61.06
N ASN D 36 -39.39 3.32 59.79
CA ASN D 36 -40.38 3.82 58.85
C ASN D 36 -41.08 5.10 59.31
N ASP D 37 -40.31 6.08 59.75
CA ASP D 37 -40.87 7.29 60.30
C ASP D 37 -40.50 8.55 59.52
N GLY D 38 -39.94 8.38 58.33
CA GLY D 38 -39.52 9.52 57.51
C GLY D 38 -38.39 10.32 58.10
N PHE D 39 -37.58 9.66 58.91
CA PHE D 39 -36.38 10.24 59.51
C PHE D 39 -35.26 9.21 59.50
N LEU D 40 -34.02 9.68 59.36
CA LEU D 40 -32.83 8.85 59.53
C LEU D 40 -32.03 9.32 60.72
N ASP D 41 -31.46 8.38 61.48
CA ASP D 41 -30.50 8.73 62.53
C ASP D 41 -29.10 8.78 61.93
N TYR D 42 -28.10 9.08 62.76
CA TYR D 42 -26.74 9.27 62.25
C TYR D 42 -26.22 8.03 61.52
N HIS D 43 -26.42 6.87 62.15
CA HIS D 43 -25.92 5.62 61.59
C HIS D 43 -26.65 5.27 60.30
N GLU D 44 -27.95 5.51 60.27
CA GLU D 44 -28.75 5.26 59.09
C GLU D 44 -28.31 6.21 57.97
N LEU D 45 -28.15 7.49 58.31
CA LEU D 45 -27.71 8.50 57.34
C LEU D 45 -26.31 8.24 56.77
N LYS D 46 -25.37 7.79 57.61
CA LYS D 46 -24.00 7.50 57.16
C LYS D 46 -24.03 6.56 55.96
N VAL D 47 -24.81 5.48 56.07
CA VAL D 47 -24.88 4.50 54.99
C VAL D 47 -25.77 4.95 53.83
N ALA D 48 -26.76 5.80 54.11
CA ALA D 48 -27.59 6.37 53.04
C ALA D 48 -26.77 7.21 52.08
N LYS D 50 -23.34 6.96 51.72
CA LYS D 50 -22.47 6.02 51.04
C LYS D 50 -23.17 5.44 49.83
N ALA D 51 -24.41 5.01 50.00
CA ALA D 51 -25.22 4.53 48.88
C ALA D 51 -25.27 5.51 47.69
N LEU D 52 -25.32 6.80 47.97
CA LEU D 52 -25.42 7.77 46.88
C LEU D 52 -24.06 8.20 46.34
N GLY D 53 -22.98 7.74 46.98
CA GLY D 53 -21.64 8.14 46.60
C GLY D 53 -21.11 9.36 47.33
N PHE D 54 -21.73 9.71 48.46
CA PHE D 54 -21.37 10.92 49.21
C PHE D 54 -20.88 10.64 50.63
N GLU D 55 -19.82 9.85 50.73
CA GLU D 55 -19.21 9.53 52.01
C GLU D 55 -18.59 10.76 52.71
N LEU D 56 -19.00 11.00 53.96
CA LEU D 56 -18.46 12.12 54.73
C LEU D 56 -17.91 11.66 56.09
N PRO D 57 -16.85 12.32 56.60
CA PRO D 57 -16.32 11.98 57.93
C PRO D 57 -17.35 12.20 59.04
N LYS D 58 -17.29 11.40 60.10
CA LYS D 58 -18.27 11.46 61.19
C LYS D 58 -18.75 12.88 61.49
N ARG D 59 -17.81 13.78 61.75
CA ARG D 59 -18.16 15.12 62.22
C ARG D 59 -18.88 15.95 61.17
N GLU D 60 -18.61 15.71 59.90
CA GLU D 60 -19.29 16.43 58.82
C GLU D 60 -20.76 16.02 58.67
N ILE D 61 -21.03 14.72 58.78
CA ILE D 61 -22.40 14.22 58.83
C ILE D 61 -23.13 14.86 60.00
N LEU D 62 -22.50 14.85 61.18
CA LEU D 62 -23.11 15.43 62.36
C LEU D 62 -23.36 16.91 62.17
N ASP D 63 -22.40 17.62 61.57
CA ASP D 63 -22.53 19.05 61.30
C ASP D 63 -23.71 19.31 60.37
N LEU D 64 -23.91 18.41 59.43
CA LEU D 64 -25.02 18.49 58.48
C LEU D 64 -26.35 18.30 59.20
N ILE D 65 -26.41 17.29 60.07
CA ILE D 65 -27.61 17.02 60.84
C ILE D 65 -27.98 18.23 61.71
N ASP D 66 -27.00 18.79 62.40
CA ASP D 66 -27.23 19.95 63.27
C ASP D 66 -27.71 21.16 62.50
N GLU D 67 -27.34 21.23 61.23
CA GLU D 67 -27.66 22.36 60.37
C GLU D 67 -29.13 22.40 59.96
N TYR D 68 -29.76 21.23 59.89
CA TYR D 68 -31.16 21.13 59.47
C TYR D 68 -32.06 20.62 60.58
N ASP D 69 -31.68 20.87 61.83
CA ASP D 69 -32.43 20.35 62.96
C ASP D 69 -32.97 21.46 63.87
N SER D 70 -34.30 21.52 64.00
CA SER D 70 -34.96 22.58 64.79
C SER D 70 -35.08 22.17 66.26
N GLU D 71 -35.40 20.89 66.48
CA GLU D 71 -35.59 20.33 67.81
C GLU D 71 -34.53 19.26 68.03
N GLY D 72 -33.71 19.47 69.07
CA GLY D 72 -32.50 18.69 69.35
C GLY D 72 -32.60 17.17 69.34
N ARG D 73 -32.59 16.61 68.14
CA ARG D 73 -32.46 15.17 67.93
C ARG D 73 -31.52 14.94 66.75
N HIS D 74 -30.60 14.00 66.89
CA HIS D 74 -29.69 13.65 65.80
C HIS D 74 -30.42 12.95 64.67
N LEU D 75 -31.51 13.56 64.21
CA LEU D 75 -32.33 13.03 63.12
C LEU D 75 -32.29 13.91 61.88
N LYS D 77 -34.79 14.81 58.59
CA LYS D 77 -36.07 14.74 57.90
C LYS D 77 -35.85 14.39 56.42
N TYR D 78 -36.72 13.55 55.87
CA TYR D 78 -36.66 13.23 54.44
C TYR D 78 -36.60 14.47 53.56
N ASP D 79 -37.48 15.44 53.82
CA ASP D 79 -37.52 16.66 53.03
C ASP D 79 -36.16 17.36 52.98
N ASP D 80 -35.40 17.26 54.07
CA ASP D 80 -34.08 17.88 54.15
C ASP D 80 -33.04 17.07 53.40
N PHE D 81 -33.00 15.77 53.68
CA PHE D 81 -32.22 14.81 52.92
C PHE D 81 -32.39 15.11 51.43
N TYR D 82 -33.64 15.17 50.97
CA TYR D 82 -33.93 15.41 49.56
C TYR D 82 -33.23 16.65 49.01
N ILE D 83 -33.23 17.74 49.76
CA ILE D 83 -32.57 18.96 49.32
C ILE D 83 -31.06 18.80 49.26
N VAL D 84 -30.47 18.30 50.34
CA VAL D 84 -29.02 18.22 50.49
C VAL D 84 -28.43 17.26 49.46
N GLY D 86 -29.84 16.36 46.83
CA GLY D 86 -30.21 16.92 45.53
C GLY D 86 -29.13 17.78 44.93
N GLU D 87 -28.57 18.69 45.72
CA GLU D 87 -27.54 19.58 45.20
C GLU D 87 -26.24 18.86 45.03
N LYS D 88 -25.98 17.88 45.87
CA LYS D 88 -24.83 16.99 45.71
C LYS D 88 -24.94 16.20 44.40
N ILE D 89 -26.14 15.74 44.08
CA ILE D 89 -26.35 15.00 42.85
C ILE D 89 -26.14 15.86 41.62
N LEU D 90 -26.66 17.09 41.65
CA LEU D 90 -26.49 18.00 40.51
C LEU D 90 -25.02 18.29 40.18
N LYS D 91 -24.17 18.27 41.20
CA LYS D 91 -22.74 18.54 41.06
C LYS D 91 -21.95 17.31 40.59
N ARG D 92 -22.65 16.21 40.38
CA ARG D 92 -22.03 14.97 39.97
C ARG D 92 -21.38 15.10 38.59
N ASP D 93 -20.08 14.80 38.54
CA ASP D 93 -19.30 14.76 37.30
C ASP D 93 -19.53 13.40 36.64
N PRO D 94 -20.17 13.37 35.46
CA PRO D 94 -20.56 12.10 34.86
C PRO D 94 -19.36 11.21 34.56
N LEU D 95 -18.17 11.79 34.53
CA LEU D 95 -16.95 11.05 34.21
C LEU D 95 -16.56 10.08 35.30
N ASP D 96 -16.86 10.43 36.54
CA ASP D 96 -16.57 9.58 37.70
C ASP D 96 -17.24 8.23 37.53
N GLU D 97 -18.49 8.26 37.07
CA GLU D 97 -19.26 7.05 36.84
C GLU D 97 -18.63 6.20 35.74
N ILE D 98 -18.11 6.85 34.70
CA ILE D 98 -17.47 6.11 33.60
C ILE D 98 -16.20 5.41 34.10
N LYS D 99 -15.42 6.14 34.89
CA LYS D 99 -14.17 5.64 35.43
C LYS D 99 -14.40 4.49 36.43
N ARG D 100 -15.42 4.67 37.28
CA ARG D 100 -15.80 3.63 38.25
C ARG D 100 -16.18 2.37 37.47
N ALA D 101 -16.90 2.53 36.38
CA ALA D 101 -17.33 1.41 35.57
C ALA D 101 -16.14 0.67 34.99
N PHE D 102 -15.12 1.43 34.61
CA PHE D 102 -13.93 0.84 34.04
C PHE D 102 -13.31 -0.13 35.04
N GLN D 103 -13.24 0.29 36.31
CA GLN D 103 -12.71 -0.58 37.37
C GLN D 103 -13.46 -1.90 37.38
N LEU D 104 -14.78 -1.83 37.20
CA LEU D 104 -15.63 -3.01 37.29
C LEU D 104 -15.46 -3.94 36.09
N PHE D 105 -15.09 -3.39 34.96
CA PHE D 105 -14.72 -4.21 33.82
C PHE D 105 -13.35 -4.88 34.05
N ASP D 106 -12.42 -4.10 34.60
CA ASP D 106 -11.05 -4.52 34.84
C ASP D 106 -10.89 -5.30 36.16
N ASP D 107 -11.53 -6.47 36.24
CA ASP D 107 -11.41 -7.43 37.34
C ASP D 107 -10.05 -7.49 38.00
N ASP D 108 -9.05 -7.74 37.16
CA ASP D 108 -7.73 -8.12 37.62
C ASP D 108 -6.80 -6.93 37.79
N HIS D 109 -7.32 -5.74 37.50
CA HIS D 109 -6.68 -4.47 37.84
C HIS D 109 -5.38 -4.25 37.09
N THR D 110 -5.42 -4.44 35.78
CA THR D 110 -4.23 -4.32 34.96
C THR D 110 -4.18 -2.96 34.28
N GLY D 111 -5.21 -2.15 34.44
CA GLY D 111 -5.30 -0.87 33.77
C GLY D 111 -5.91 -0.98 32.39
N LYS D 112 -6.24 -2.22 32.00
CA LYS D 112 -6.80 -2.52 30.68
C LYS D 112 -7.90 -3.57 30.75
N ILE D 113 -8.87 -3.42 29.84
CA ILE D 113 -9.93 -4.39 29.64
C ILE D 113 -9.52 -5.34 28.54
N SER D 114 -9.23 -6.57 28.92
CA SER D 114 -8.80 -7.61 28.00
C SER D 114 -10.02 -8.41 27.58
N ILE D 115 -9.86 -9.29 26.60
CA ILE D 115 -10.97 -10.16 26.20
C ILE D 115 -11.48 -11.01 27.36
N LYS D 116 -10.62 -11.51 28.24
CA LYS D 116 -11.10 -12.33 29.34
C LYS D 116 -11.93 -11.51 30.30
N ASN D 117 -11.56 -10.24 30.48
CA ASN D 117 -12.36 -9.31 31.25
C ASN D 117 -13.77 -9.18 30.67
N LEU D 118 -13.82 -8.84 29.38
CA LEU D 118 -15.07 -8.55 28.71
C LEU D 118 -15.97 -9.77 28.66
N ARG D 119 -15.39 -10.94 28.40
CA ARG D 119 -16.14 -12.18 28.40
C ARG D 119 -16.85 -12.38 29.74
N ARG D 120 -16.16 -12.04 30.83
CA ARG D 120 -16.71 -12.20 32.16
C ARG D 120 -17.90 -11.28 32.33
N VAL D 121 -17.79 -10.05 31.84
CA VAL D 121 -18.87 -9.08 31.96
C VAL D 121 -20.10 -9.58 31.21
N ALA D 122 -19.90 -9.94 29.95
CA ALA D 122 -20.98 -10.45 29.12
C ALA D 122 -21.68 -11.62 29.80
N LYS D 123 -20.91 -12.60 30.26
CA LYS D 123 -21.50 -13.77 30.89
C LYS D 123 -22.29 -13.44 32.15
N GLU D 124 -21.79 -12.46 32.90
CA GLU D 124 -22.44 -12.00 34.11
C GLU D 124 -23.76 -11.31 33.79
N LEU D 125 -23.79 -10.56 32.69
CA LEU D 125 -25.02 -9.91 32.22
C LEU D 125 -25.96 -10.89 31.53
N GLY D 126 -25.52 -12.12 31.36
CA GLY D 126 -26.35 -13.16 30.76
C GLY D 126 -26.36 -13.14 29.24
N GLU D 127 -25.56 -12.26 28.65
CA GLU D 127 -25.40 -12.19 27.20
C GLU D 127 -24.67 -13.43 26.68
N THR D 128 -24.94 -13.79 25.43
CA THR D 128 -24.30 -14.95 24.81
C THR D 128 -23.53 -14.46 23.60
N LEU D 129 -22.25 -14.16 23.79
CA LEU D 129 -21.45 -13.63 22.70
C LEU D 129 -20.22 -14.49 22.43
N THR D 130 -20.09 -14.92 21.18
CA THR D 130 -18.92 -15.68 20.74
C THR D 130 -17.67 -14.84 20.91
N ASP D 131 -16.53 -15.50 21.09
CA ASP D 131 -15.26 -14.80 21.32
C ASP D 131 -14.84 -13.90 20.15
N GLU D 132 -15.29 -14.24 18.95
CA GLU D 132 -15.08 -13.39 17.78
C GLU D 132 -15.84 -12.08 17.91
N GLU D 133 -17.08 -12.16 18.38
CA GLU D 133 -17.88 -10.97 18.66
C GLU D 133 -17.17 -10.10 19.69
N LEU D 134 -16.65 -10.73 20.75
CA LEU D 134 -15.96 -10.00 21.80
C LEU D 134 -14.66 -9.40 21.30
N ARG D 135 -13.96 -10.14 20.44
CA ARG D 135 -12.69 -9.70 19.88
C ARG D 135 -12.93 -8.50 18.98
N ALA D 136 -13.97 -8.57 18.15
CA ALA D 136 -14.34 -7.50 17.24
C ALA D 136 -14.79 -6.22 17.97
N ILE D 138 -13.64 -5.15 20.84
CA ILE D 138 -12.42 -4.50 21.28
C ILE D 138 -11.69 -3.89 20.08
N GLU D 139 -11.59 -4.66 19.00
CA GLU D 139 -10.79 -4.25 17.87
C GLU D 139 -11.20 -2.87 17.37
N GLU D 140 -12.51 -2.61 17.29
CA GLU D 140 -13.02 -1.39 16.69
C GLU D 140 -12.68 -0.14 17.51
N PHE D 141 -12.43 -0.32 18.80
CA PHE D 141 -12.17 0.82 19.66
C PHE D 141 -10.77 0.83 20.26
N ASP D 142 -9.98 -0.19 19.95
CA ASP D 142 -8.61 -0.29 20.42
C ASP D 142 -7.72 0.52 19.47
N LEU D 143 -7.28 1.68 19.93
CA LEU D 143 -6.63 2.62 19.03
C LEU D 143 -5.11 2.43 18.95
N ASP D 144 -4.46 2.15 20.08
CA ASP D 144 -3.00 1.97 20.07
C ASP D 144 -2.60 0.60 19.51
N GLY D 145 -3.51 -0.38 19.57
CA GLY D 145 -3.34 -1.63 18.84
C GLY D 145 -2.95 -2.85 19.65
N ASP D 146 -2.83 -2.67 20.96
CA ASP D 146 -2.36 -3.74 21.85
C ASP D 146 -3.38 -4.87 22.09
N GLY D 147 -4.56 -4.72 21.49
CA GLY D 147 -5.60 -5.75 21.57
C GLY D 147 -6.42 -5.68 22.83
N GLU D 148 -6.22 -4.62 23.61
CA GLU D 148 -7.00 -4.40 24.83
C GLU D 148 -7.45 -2.95 24.93
N ILE D 149 -8.39 -2.67 25.83
CA ILE D 149 -8.96 -1.34 25.98
C ILE D 149 -8.49 -0.68 27.27
N ASN D 150 -7.69 0.38 27.16
CA ASN D 150 -7.25 1.17 28.32
C ASN D 150 -8.31 2.18 28.76
N GLU D 151 -8.07 2.89 29.87
CA GLU D 151 -9.08 3.81 30.43
C GLU D 151 -9.55 4.88 29.44
N ASN D 152 -8.61 5.65 28.87
CA ASN D 152 -8.94 6.68 27.88
C ASN D 152 -9.76 6.17 26.69
N GLU D 153 -9.48 4.94 26.28
CA GLU D 153 -10.21 4.29 25.21
C GLU D 153 -11.63 3.96 25.62
N PHE D 154 -11.81 3.60 26.89
CA PHE D 154 -13.13 3.26 27.40
C PHE D 154 -13.96 4.53 27.48
N ILE D 155 -13.35 5.61 28.00
CA ILE D 155 -14.02 6.89 28.09
C ILE D 155 -14.52 7.34 26.72
N ALA D 156 -13.73 7.06 25.69
CA ALA D 156 -14.08 7.41 24.32
C ALA D 156 -15.31 6.65 23.82
N ILE D 157 -15.44 5.38 24.23
CA ILE D 157 -16.63 4.59 23.90
C ILE D 157 -17.89 5.23 24.48
N CYS D 158 -17.80 5.70 25.73
CA CYS D 158 -18.94 6.23 26.43
C CYS D 158 -19.06 7.75 26.31
N THR D 159 -18.83 8.29 25.12
CA THR D 159 -18.85 9.74 24.90
C THR D 159 -19.31 10.05 23.48
N ASP D 160 -19.38 11.34 23.14
CA ASP D 160 -19.84 11.80 21.83
C ASP D 160 -18.84 12.68 21.05
N SER D 161 -17.74 13.06 21.72
CA SER D 161 -16.71 13.92 21.12
C SER D 161 -15.33 13.53 21.64
N ASN E 14 -6.88 18.03 -6.35
CA ASN E 14 -6.56 19.22 -7.20
C ASN E 14 -7.58 19.52 -8.30
N SER E 15 -7.15 20.35 -9.27
CA SER E 15 -8.00 20.78 -10.37
C SER E 15 -7.86 19.89 -11.61
N GLU E 16 -7.87 18.58 -11.38
CA GLU E 16 -7.86 17.62 -12.48
C GLU E 16 -8.84 16.49 -12.24
N LEU E 17 -9.74 16.73 -11.28
CA LEU E 17 -10.82 15.80 -10.95
C LEU E 17 -12.09 16.17 -11.69
N LEU E 18 -12.84 15.16 -12.12
CA LEU E 18 -14.17 15.39 -12.71
C LEU E 18 -15.13 16.00 -11.69
N GLU E 19 -16.22 16.59 -12.18
CA GLU E 19 -17.22 17.18 -11.31
C GLU E 19 -17.87 16.12 -10.44
N GLU E 20 -18.11 14.95 -11.03
CA GLU E 20 -18.72 13.83 -10.33
C GLU E 20 -17.88 13.41 -9.13
N GLN E 21 -16.57 13.40 -9.33
CA GLN E 21 -15.63 13.02 -8.28
C GLN E 21 -15.61 14.02 -7.13
N LYS E 22 -15.62 15.32 -7.46
CA LYS E 22 -15.75 16.38 -6.45
C LYS E 22 -17.00 16.14 -5.60
N GLN E 23 -18.13 15.93 -6.29
CA GLN E 23 -19.41 15.64 -5.67
C GLN E 23 -19.37 14.37 -4.85
N GLU E 24 -18.64 13.37 -5.33
CA GLU E 24 -18.51 12.08 -4.68
C GLU E 24 -17.80 12.21 -3.34
N ILE E 25 -16.71 12.98 -3.34
CA ILE E 25 -15.93 13.22 -2.13
C ILE E 25 -16.77 13.97 -1.09
N TYR E 26 -17.48 14.99 -1.56
CA TYR E 26 -18.31 15.80 -0.67
C TYR E 26 -19.39 14.95 -0.01
N GLU E 27 -20.06 14.11 -0.80
CA GLU E 27 -21.18 13.33 -0.29
C GLU E 27 -20.75 12.33 0.76
N ALA E 28 -19.68 11.58 0.49
CA ALA E 28 -19.16 10.60 1.43
C ALA E 28 -18.90 11.23 2.81
N PHE E 29 -18.24 12.38 2.82
CA PHE E 29 -17.93 13.09 4.04
C PHE E 29 -19.21 13.51 4.78
N SER E 30 -20.15 14.10 4.04
CA SER E 30 -21.41 14.57 4.61
C SER E 30 -22.18 13.45 5.29
N LEU E 31 -22.09 12.26 4.72
CA LEU E 31 -22.86 11.11 5.15
C LEU E 31 -22.55 10.72 6.58
N PHE E 32 -21.30 10.93 6.99
CA PHE E 32 -20.85 10.48 8.30
C PHE E 32 -20.40 11.62 9.20
N ASP E 33 -20.88 12.82 8.91
CA ASP E 33 -20.66 13.98 9.75
C ASP E 33 -21.85 14.16 10.71
N ASN E 35 -22.12 15.50 13.79
CA ASN E 35 -22.25 16.77 14.50
C ASN E 35 -22.47 17.90 13.52
N ASN E 36 -22.33 17.59 12.24
CA ASN E 36 -22.33 18.60 11.17
C ASN E 36 -21.24 19.66 11.37
N ASP E 37 -20.37 19.42 12.34
CA ASP E 37 -19.17 20.23 12.56
C ASP E 37 -18.19 19.98 11.40
N GLY E 38 -17.05 20.67 11.40
CA GLY E 38 -16.13 20.60 10.26
C GLY E 38 -15.41 19.28 10.00
N PHE E 39 -15.53 18.31 10.92
CA PHE E 39 -14.61 17.16 10.92
C PHE E 39 -15.19 15.79 11.28
N LEU E 40 -14.38 14.76 10.97
CA LEU E 40 -14.66 13.36 11.32
C LEU E 40 -13.59 12.82 12.27
N ASP E 41 -13.99 11.89 13.13
CA ASP E 41 -13.04 11.17 13.98
C ASP E 41 -12.64 9.85 13.30
N TYR E 42 -11.88 9.01 14.01
CA TYR E 42 -11.38 7.77 13.42
C TYR E 42 -12.47 6.90 12.81
N HIS E 43 -13.54 6.69 13.57
CA HIS E 43 -14.61 5.77 13.17
C HIS E 43 -15.40 6.26 11.97
N GLU E 44 -15.71 7.55 11.97
CA GLU E 44 -16.41 8.17 10.85
C GLU E 44 -15.52 8.18 9.61
N LEU E 45 -14.22 8.41 9.81
CA LEU E 45 -13.28 8.42 8.70
C LEU E 45 -13.23 7.06 8.02
N LYS E 46 -13.15 5.99 8.81
CA LYS E 46 -13.04 4.63 8.28
C LYS E 46 -14.13 4.37 7.26
N VAL E 47 -15.38 4.60 7.65
CA VAL E 47 -16.52 4.33 6.75
C VAL E 47 -16.64 5.37 5.63
N ALA E 48 -16.15 6.58 5.88
CA ALA E 48 -16.16 7.59 4.84
C ALA E 48 -15.32 7.11 3.66
N LYS E 50 -14.41 4.04 3.12
CA LYS E 50 -15.09 2.84 2.64
C LYS E 50 -16.10 3.19 1.55
N ALA E 51 -16.76 4.34 1.72
CA ALA E 51 -17.76 4.81 0.77
C ALA E 51 -17.16 5.21 -0.59
N LEU E 52 -15.89 5.61 -0.58
CA LEU E 52 -15.19 5.96 -1.79
C LEU E 52 -14.41 4.76 -2.33
N GLY E 53 -14.52 3.62 -1.64
CA GLY E 53 -13.84 2.40 -2.07
C GLY E 53 -12.46 2.17 -1.49
N PHE E 54 -12.10 2.91 -0.44
CA PHE E 54 -10.79 2.79 0.17
C PHE E 54 -10.86 2.08 1.52
N GLU E 55 -10.00 1.08 1.69
CA GLU E 55 -9.98 0.27 2.92
C GLU E 55 -8.58 0.13 3.45
N LEU E 56 -8.17 1.07 4.29
CA LEU E 56 -6.83 1.02 4.87
C LEU E 56 -6.84 0.28 6.20
N PRO E 57 -5.70 -0.35 6.57
CA PRO E 57 -5.56 -0.89 7.92
C PRO E 57 -5.65 0.20 8.98
N LYS E 58 -6.07 -0.17 10.19
CA LYS E 58 -6.25 0.78 11.28
C LYS E 58 -5.05 1.72 11.48
N ARG E 59 -3.85 1.16 11.61
CA ARG E 59 -2.64 1.96 11.80
C ARG E 59 -2.48 3.04 10.73
N GLU E 60 -2.84 2.68 9.49
CA GLU E 60 -2.72 3.58 8.35
C GLU E 60 -3.62 4.79 8.50
N ILE E 61 -4.90 4.53 8.81
CA ILE E 61 -5.91 5.57 8.99
C ILE E 61 -5.53 6.50 10.15
N LEU E 62 -5.03 5.91 11.23
CA LEU E 62 -4.60 6.70 12.39
C LEU E 62 -3.37 7.53 12.05
N ASP E 63 -2.46 6.96 11.28
CA ASP E 63 -1.30 7.69 10.78
C ASP E 63 -1.74 8.85 9.90
N LEU E 64 -2.79 8.59 9.11
CA LEU E 64 -3.29 9.55 8.16
C LEU E 64 -3.94 10.73 8.87
N ILE E 65 -4.60 10.47 10.00
CA ILE E 65 -5.19 11.52 10.81
C ILE E 65 -4.10 12.43 11.39
N ASP E 66 -3.07 11.80 11.97
CA ASP E 66 -1.96 12.50 12.62
C ASP E 66 -1.24 13.48 11.70
N GLU E 67 -0.93 13.04 10.49
CA GLU E 67 -0.24 13.88 9.50
C GLU E 67 -0.92 15.22 9.25
N TYR E 68 -2.25 15.23 9.32
CA TYR E 68 -3.04 16.43 9.01
C TYR E 68 -3.67 17.09 10.24
N ASP E 69 -3.59 16.42 11.39
CA ASP E 69 -4.07 17.02 12.64
C ASP E 69 -2.97 17.85 13.28
N SER E 70 -2.69 18.98 12.65
CA SER E 70 -1.72 19.94 13.19
C SER E 70 -2.30 20.72 14.37
N GLU E 71 -3.41 20.20 14.90
CA GLU E 71 -4.16 20.87 15.97
C GLU E 71 -4.13 20.08 17.30
N GLY E 72 -4.02 18.76 17.22
CA GLY E 72 -3.96 17.91 18.41
C GLY E 72 -5.31 17.36 18.85
N ARG E 73 -6.32 17.58 18.01
CA ARG E 73 -7.70 17.19 18.33
C ARG E 73 -8.01 15.72 17.96
N HIS E 74 -7.13 15.12 17.16
CA HIS E 74 -7.29 13.75 16.63
C HIS E 74 -8.50 13.57 15.71
N LEU E 75 -8.97 14.66 15.12
CA LEU E 75 -10.03 14.65 14.11
C LEU E 75 -9.45 15.02 12.75
N LYS E 77 -9.99 17.27 9.25
CA LYS E 77 -10.66 18.40 8.61
C LYS E 77 -11.13 18.05 7.20
N TYR E 78 -12.26 18.63 6.79
CA TYR E 78 -12.78 18.42 5.44
C TYR E 78 -11.79 18.86 4.37
N ASP E 79 -11.24 20.06 4.52
CA ASP E 79 -10.20 20.59 3.64
C ASP E 79 -9.11 19.56 3.36
N ASP E 80 -8.63 18.90 4.42
CA ASP E 80 -7.59 17.89 4.32
C ASP E 80 -8.11 16.60 3.71
N PHE E 81 -9.34 16.23 4.09
CA PHE E 81 -10.01 15.05 3.53
C PHE E 81 -10.08 15.15 2.01
N TYR E 82 -10.48 16.32 1.52
CA TYR E 82 -10.61 16.58 0.09
C TYR E 82 -9.31 16.37 -0.67
N ILE E 83 -8.22 16.92 -0.14
CA ILE E 83 -6.92 16.85 -0.81
C ILE E 83 -6.42 15.42 -0.92
N VAL E 84 -6.47 14.69 0.20
CA VAL E 84 -5.94 13.32 0.26
C VAL E 84 -6.81 12.27 -0.47
N GLY E 86 -8.79 13.17 -2.97
CA GLY E 86 -8.57 13.62 -4.34
C GLY E 86 -7.49 12.77 -4.96
N GLU E 87 -6.30 12.83 -4.38
CA GLU E 87 -5.13 12.11 -4.90
C GLU E 87 -5.34 10.61 -5.01
N LYS E 88 -6.02 10.03 -4.03
CA LYS E 88 -6.34 8.61 -4.07
C LYS E 88 -7.27 8.29 -5.23
N ILE E 89 -8.33 9.10 -5.39
CA ILE E 89 -9.31 8.89 -6.46
C ILE E 89 -8.65 8.94 -7.83
N LEU E 90 -7.81 9.95 -8.05
CA LEU E 90 -7.08 10.10 -9.30
C LEU E 90 -6.14 8.93 -9.55
N LYS E 91 -5.73 8.27 -8.47
CA LYS E 91 -4.84 7.11 -8.57
C LYS E 91 -5.58 5.78 -8.71
N ARG E 92 -6.91 5.82 -8.60
CA ARG E 92 -7.75 4.65 -8.90
C ARG E 92 -7.42 4.13 -10.29
N ASP E 93 -7.22 2.83 -10.40
CA ASP E 93 -7.08 2.21 -11.72
C ASP E 93 -8.46 2.15 -12.34
N PRO E 94 -8.65 2.82 -13.49
CA PRO E 94 -9.98 2.90 -14.11
C PRO E 94 -10.55 1.53 -14.42
N LEU E 95 -9.67 0.57 -14.71
CA LEU E 95 -10.07 -0.77 -15.11
C LEU E 95 -10.64 -1.58 -13.95
N ASP E 96 -10.06 -1.43 -12.76
CA ASP E 96 -10.61 -2.07 -11.56
C ASP E 96 -11.99 -1.57 -11.24
N GLU E 97 -12.20 -0.27 -11.45
CA GLU E 97 -13.52 0.33 -11.28
C GLU E 97 -14.55 -0.31 -12.21
N ILE E 98 -14.23 -0.45 -13.50
CA ILE E 98 -15.10 -1.11 -14.47
C ILE E 98 -15.43 -2.51 -13.98
N LYS E 99 -14.40 -3.24 -13.56
CA LYS E 99 -14.55 -4.63 -13.08
C LYS E 99 -15.39 -4.76 -11.81
N ARG E 100 -15.12 -3.90 -10.82
CA ARG E 100 -15.95 -3.86 -9.63
C ARG E 100 -17.41 -3.59 -9.98
N ALA E 101 -17.61 -2.66 -10.92
CA ALA E 101 -18.92 -2.25 -11.36
C ALA E 101 -19.62 -3.37 -12.12
N PHE E 102 -18.85 -4.15 -12.88
CA PHE E 102 -19.40 -5.29 -13.60
C PHE E 102 -20.07 -6.26 -12.64
N GLN E 103 -19.41 -6.53 -11.51
CA GLN E 103 -19.93 -7.43 -10.49
C GLN E 103 -21.23 -6.95 -9.88
N LEU E 104 -21.36 -5.62 -9.75
CA LEU E 104 -22.56 -4.98 -9.22
C LEU E 104 -23.75 -5.14 -10.16
N PHE E 105 -23.49 -5.05 -11.46
CA PHE E 105 -24.52 -5.27 -12.45
C PHE E 105 -24.95 -6.73 -12.53
N ASP E 106 -23.95 -7.63 -12.57
CA ASP E 106 -24.16 -9.06 -12.61
C ASP E 106 -24.60 -9.62 -11.24
N ASP E 107 -25.69 -9.06 -10.74
CA ASP E 107 -26.39 -9.48 -9.54
C ASP E 107 -26.38 -10.98 -9.29
N ASP E 108 -26.74 -11.74 -10.32
CA ASP E 108 -26.96 -13.17 -10.20
C ASP E 108 -25.72 -13.97 -10.56
N HIS E 109 -24.62 -13.28 -10.83
CA HIS E 109 -23.34 -13.91 -11.16
C HIS E 109 -23.49 -14.96 -12.24
N THR E 110 -23.86 -14.52 -13.43
CA THR E 110 -23.95 -15.39 -14.60
C THR E 110 -22.75 -15.16 -15.52
N GLY E 111 -21.99 -14.11 -15.23
CA GLY E 111 -20.83 -13.74 -16.03
C GLY E 111 -21.16 -12.84 -17.20
N LYS E 112 -22.46 -12.61 -17.43
CA LYS E 112 -22.92 -11.69 -18.46
C LYS E 112 -23.91 -10.72 -17.83
N ILE E 113 -23.91 -9.47 -18.28
CA ILE E 113 -24.94 -8.52 -17.88
C ILE E 113 -26.15 -8.76 -18.76
N SER E 114 -27.21 -9.30 -18.15
CA SER E 114 -28.46 -9.57 -18.87
C SER E 114 -29.27 -8.29 -19.02
N ILE E 115 -30.24 -8.32 -19.92
CA ILE E 115 -31.15 -7.19 -20.11
C ILE E 115 -31.85 -6.85 -18.79
N LYS E 116 -32.17 -7.87 -17.99
CA LYS E 116 -32.81 -7.63 -16.70
C LYS E 116 -31.84 -7.07 -15.67
N ASN E 117 -30.57 -7.48 -15.72
CA ASN E 117 -29.54 -6.87 -14.88
C ASN E 117 -29.56 -5.36 -15.06
N LEU E 118 -29.56 -4.93 -16.32
CA LEU E 118 -29.54 -3.53 -16.68
C LEU E 118 -30.77 -2.81 -16.20
N ARG E 119 -31.93 -3.40 -16.46
CA ARG E 119 -33.19 -2.75 -16.12
C ARG E 119 -33.34 -2.59 -14.59
N ARG E 120 -32.70 -3.48 -13.85
CA ARG E 120 -32.69 -3.44 -12.39
C ARG E 120 -31.94 -2.23 -11.86
N VAL E 121 -30.70 -2.05 -12.32
CA VAL E 121 -29.87 -0.93 -11.89
C VAL E 121 -30.56 0.39 -12.16
N ALA E 122 -31.04 0.56 -13.39
CA ALA E 122 -31.83 1.71 -13.78
C ALA E 122 -32.93 2.06 -12.76
N LYS E 123 -33.72 1.07 -12.34
CA LYS E 123 -34.72 1.26 -11.28
C LYS E 123 -34.11 1.84 -10.01
N GLU E 124 -33.03 1.22 -9.53
CA GLU E 124 -32.34 1.65 -8.32
C GLU E 124 -31.88 3.10 -8.38
N LEU E 125 -31.41 3.53 -9.54
CA LEU E 125 -30.87 4.88 -9.68
C LEU E 125 -31.92 5.90 -10.09
N GLY E 126 -33.17 5.45 -10.24
CA GLY E 126 -34.25 6.30 -10.71
C GLY E 126 -34.27 6.40 -12.22
N GLU E 127 -33.11 6.21 -12.84
CA GLU E 127 -32.94 6.20 -14.28
C GLU E 127 -33.92 5.26 -14.99
N THR E 128 -34.18 5.56 -16.25
CA THR E 128 -34.98 4.67 -17.08
C THR E 128 -34.34 4.61 -18.45
N LEU E 129 -34.15 3.39 -18.96
CA LEU E 129 -33.64 3.23 -20.30
C LEU E 129 -34.52 2.30 -21.12
N THR E 130 -34.90 2.80 -22.30
CA THR E 130 -35.89 2.17 -23.15
C THR E 130 -35.36 0.94 -23.87
N ASP E 131 -36.28 0.15 -24.42
CA ASP E 131 -35.97 -1.02 -25.23
C ASP E 131 -35.04 -0.67 -26.38
N GLU E 132 -35.37 0.39 -27.13
CA GLU E 132 -34.55 0.86 -28.25
C GLU E 132 -33.10 1.15 -27.82
N GLU E 133 -32.94 1.83 -26.69
CA GLU E 133 -31.62 2.14 -26.17
C GLU E 133 -30.85 0.87 -25.89
N LEU E 134 -31.53 -0.13 -25.34
CA LEU E 134 -30.87 -1.38 -24.98
C LEU E 134 -30.54 -2.27 -26.18
N ARG E 135 -31.32 -2.17 -27.25
CA ARG E 135 -30.95 -2.91 -28.45
C ARG E 135 -29.81 -2.22 -29.18
N ALA E 136 -29.91 -0.90 -29.35
CA ALA E 136 -28.83 -0.11 -29.94
C ALA E 136 -27.53 -0.31 -29.17
N ILE E 138 -26.79 -3.41 -27.37
CA ILE E 138 -26.42 -4.79 -27.63
C ILE E 138 -25.93 -4.94 -29.06
N GLU E 139 -26.59 -4.26 -29.99
CA GLU E 139 -26.19 -4.27 -31.38
C GLU E 139 -24.76 -3.77 -31.53
N GLU E 140 -24.48 -2.62 -30.92
CA GLU E 140 -23.17 -1.99 -31.01
C GLU E 140 -22.06 -2.81 -30.34
N PHE E 141 -22.38 -3.43 -29.21
CA PHE E 141 -21.33 -3.97 -28.35
C PHE E 141 -21.29 -5.48 -28.12
N ASP E 142 -22.41 -6.19 -28.26
CA ASP E 142 -22.41 -7.65 -28.09
C ASP E 142 -21.77 -8.36 -29.29
N LEU E 143 -20.66 -9.03 -29.05
CA LEU E 143 -19.90 -9.66 -30.12
C LEU E 143 -20.01 -11.18 -30.11
N ASP E 144 -20.56 -11.73 -29.02
CA ASP E 144 -20.80 -13.17 -28.92
C ASP E 144 -22.01 -13.55 -29.75
N GLY E 145 -23.06 -12.74 -29.66
CA GLY E 145 -24.33 -13.04 -30.30
C GLY E 145 -25.38 -13.51 -29.31
N ASP E 146 -24.98 -13.64 -28.04
CA ASP E 146 -25.87 -14.12 -26.99
C ASP E 146 -26.90 -13.08 -26.52
N GLY E 147 -26.84 -11.89 -27.13
CA GLY E 147 -27.76 -10.81 -26.78
C GLY E 147 -27.49 -10.22 -25.41
N GLU E 148 -26.33 -10.57 -24.84
CA GLU E 148 -25.90 -10.10 -23.53
C GLU E 148 -24.50 -9.49 -23.59
N ILE E 149 -24.08 -8.89 -22.48
CA ILE E 149 -22.79 -8.21 -22.41
C ILE E 149 -21.87 -8.88 -21.40
N ASN E 150 -20.78 -9.46 -21.86
CA ASN E 150 -19.79 -10.04 -20.93
C ASN E 150 -18.78 -8.99 -20.47
N GLU E 151 -17.84 -9.40 -19.63
CA GLU E 151 -16.89 -8.46 -19.03
C GLU E 151 -16.05 -7.68 -20.05
N ASN E 152 -15.60 -8.34 -21.10
CA ASN E 152 -14.80 -7.66 -22.11
C ASN E 152 -15.60 -6.64 -22.88
N GLU E 153 -16.82 -7.04 -23.24
CA GLU E 153 -17.78 -6.15 -23.87
C GLU E 153 -18.13 -4.96 -22.96
N PHE E 154 -18.20 -5.23 -21.66
CA PHE E 154 -18.49 -4.20 -20.68
C PHE E 154 -17.35 -3.19 -20.60
N ILE E 155 -16.12 -3.69 -20.67
CA ILE E 155 -14.93 -2.86 -20.60
C ILE E 155 -14.89 -1.89 -21.79
N ALA E 156 -15.16 -2.44 -22.98
CA ALA E 156 -15.22 -1.65 -24.21
C ALA E 156 -16.26 -0.53 -24.12
N ILE E 157 -17.38 -0.79 -23.45
CA ILE E 157 -18.39 0.23 -23.22
C ILE E 157 -17.83 1.31 -22.29
N CYS E 158 -17.25 0.88 -21.18
CA CYS E 158 -16.85 1.82 -20.14
C CYS E 158 -15.55 2.57 -20.40
N THR E 159 -14.72 2.07 -21.30
CA THR E 159 -13.47 2.75 -21.66
C THR E 159 -13.70 3.67 -22.87
N ASP E 160 -13.07 4.83 -22.87
CA ASP E 160 -13.20 5.72 -24.04
C ASP E 160 -12.43 5.17 -25.23
N SER E 161 -13.06 5.21 -26.40
CA SER E 161 -12.42 4.75 -27.64
C SER E 161 -12.81 5.56 -28.87
N GLY F 1 -18.40 -12.43 59.31
CA GLY F 1 -19.35 -13.32 60.06
C GLY F 1 -20.80 -13.01 59.73
N PRO F 2 -21.46 -12.19 60.57
CA PRO F 2 -22.85 -11.78 60.32
C PRO F 2 -22.98 -10.98 59.02
N LEU F 3 -21.84 -10.78 58.34
CA LEU F 3 -21.71 -9.89 57.16
C LEU F 3 -21.92 -8.41 57.56
N GLY F 4 -21.52 -8.07 58.79
CA GLY F 4 -21.64 -6.71 59.30
C GLY F 4 -22.99 -6.41 59.91
N SER F 5 -23.30 -5.12 60.04
CA SER F 5 -24.61 -4.69 60.52
C SER F 5 -25.68 -5.04 59.48
N LYS F 6 -26.90 -5.26 59.96
CA LYS F 6 -28.07 -5.32 59.09
C LYS F 6 -28.02 -4.13 58.12
N LEU F 7 -27.74 -2.94 58.66
CA LEU F 7 -27.64 -1.70 57.90
C LEU F 7 -26.57 -1.77 56.83
N ASN F 8 -25.40 -2.25 57.20
CA ASN F 8 -24.26 -2.34 56.31
C ASN F 8 -24.45 -3.43 55.25
N ASP F 9 -25.30 -4.40 55.56
CA ASP F 9 -25.62 -5.45 54.62
C ASP F 9 -26.56 -4.92 53.56
N ILE F 10 -27.61 -4.22 54.00
CA ILE F 10 -28.52 -3.51 53.09
C ILE F 10 -27.72 -2.74 52.05
N LEU F 11 -26.71 -2.00 52.52
CA LEU F 11 -25.85 -1.22 51.66
C LEU F 11 -25.17 -2.09 50.61
N HIS F 12 -24.57 -3.19 51.05
CA HIS F 12 -23.84 -4.11 50.17
C HIS F 12 -24.71 -4.57 49.00
N VAL F 13 -25.84 -5.18 49.33
CA VAL F 13 -26.82 -5.61 48.31
C VAL F 13 -27.12 -4.49 47.32
N TYR F 14 -27.37 -3.29 47.82
CA TYR F 14 -27.65 -2.13 46.98
C TYR F 14 -26.48 -1.83 46.03
N GLU F 15 -25.27 -1.71 46.58
CA GLU F 15 -24.10 -1.37 45.76
C GLU F 15 -23.86 -2.38 44.67
N LYS F 16 -24.00 -3.67 45.00
CA LYS F 16 -23.84 -4.74 44.01
C LYS F 16 -24.81 -4.63 42.83
N SER F 17 -26.10 -4.43 43.13
CA SER F 17 -27.10 -4.29 42.06
C SER F 17 -26.83 -3.06 41.20
N LYS F 18 -26.25 -2.03 41.81
CA LYS F 18 -25.92 -0.80 41.11
C LYS F 18 -24.72 -1.03 40.22
N GLU F 19 -23.68 -1.66 40.78
CA GLU F 19 -22.51 -2.04 40.02
C GLU F 19 -22.91 -2.88 38.81
N ARG F 20 -23.89 -3.77 39.01
CA ARG F 20 -24.36 -4.61 37.93
C ARG F 20 -25.07 -3.77 36.89
N GLU F 21 -25.90 -2.83 37.32
CA GLU F 21 -26.64 -2.02 36.35
C GLU F 21 -25.72 -1.06 35.60
N LEU F 22 -24.59 -0.71 36.21
CA LEU F 22 -23.62 0.14 35.57
C LEU F 22 -22.93 -0.65 34.46
N GLN F 23 -22.44 -1.84 34.79
CA GLN F 23 -21.80 -2.72 33.81
C GLN F 23 -22.73 -3.05 32.65
N SER F 24 -24.00 -3.27 32.97
CA SER F 24 -24.99 -3.62 31.96
C SER F 24 -25.21 -2.47 31.01
N GLN F 25 -25.41 -1.27 31.57
CA GLN F 25 -25.68 -0.09 30.77
C GLN F 25 -24.52 0.23 29.83
N LEU F 26 -23.31 0.27 30.38
CA LEU F 26 -22.15 0.68 29.59
C LEU F 26 -21.70 -0.39 28.61
N PHE F 27 -21.89 -1.66 28.96
CA PHE F 27 -21.64 -2.73 28.02
C PHE F 27 -22.59 -2.58 26.83
N ASN F 28 -23.86 -2.28 27.13
CA ASN F 28 -24.81 -2.08 26.08
C ASN F 28 -24.47 -0.90 25.18
N ALA F 29 -24.07 0.23 25.79
CA ALA F 29 -23.65 1.40 25.01
C ALA F 29 -22.49 1.01 24.10
N TRP F 30 -21.49 0.36 24.67
CA TRP F 30 -20.34 -0.13 23.93
C TRP F 30 -20.81 -0.92 22.72
N ARG F 31 -21.69 -1.90 22.97
CA ARG F 31 -22.15 -2.77 21.91
C ARG F 31 -22.96 -2.01 20.86
N ASN F 32 -23.72 -1.01 21.28
CA ASN F 32 -24.51 -0.22 20.34
C ASN F 32 -23.68 0.58 19.36
N ARG F 33 -22.62 1.22 19.86
CA ARG F 33 -21.71 1.99 19.01
C ARG F 33 -20.93 1.07 18.10
N PHE F 34 -20.60 -0.11 18.61
CA PHE F 34 -19.98 -1.13 17.81
C PHE F 34 -20.88 -1.46 16.59
N CYS F 35 -22.15 -1.75 16.83
CA CYS F 35 -23.09 -2.05 15.72
C CYS F 35 -23.39 -0.87 14.83
N PHE F 36 -23.39 0.33 15.39
CA PHE F 36 -23.55 1.51 14.59
C PHE F 36 -22.51 1.54 13.47
N TYR F 37 -21.23 1.48 13.87
CA TYR F 37 -20.11 1.64 12.95
C TYR F 37 -19.80 0.45 12.07
N THR F 38 -20.02 -0.76 12.57
CA THR F 38 -19.64 -1.95 11.80
C THR F 38 -20.80 -2.55 11.04
N GLU F 39 -22.03 -2.22 11.45
CA GLU F 39 -23.21 -2.67 10.73
C GLU F 39 -23.93 -1.54 10.02
N GLU F 40 -24.55 -0.64 10.78
CA GLU F 40 -25.35 0.42 10.17
C GLU F 40 -24.55 1.24 9.15
N CYS F 41 -23.44 1.83 9.59
CA CYS F 41 -22.64 2.71 8.74
C CYS F 41 -21.93 2.00 7.60
N ASN F 42 -21.51 0.76 7.86
CA ASN F 42 -20.88 -0.06 6.84
C ASN F 42 -21.81 -0.28 5.66
N ILE F 43 -23.05 -0.65 5.95
CA ILE F 43 -24.06 -0.85 4.91
C ILE F 43 -24.30 0.45 4.14
N GLN F 44 -24.33 1.58 4.86
CA GLN F 44 -24.51 2.88 4.19
C GLN F 44 -23.35 3.18 3.26
N ALA F 45 -22.15 2.83 3.73
CA ALA F 45 -20.92 3.11 3.00
C ALA F 45 -20.81 2.23 1.75
N ILE F 46 -21.17 0.96 1.88
CA ILE F 46 -21.17 0.07 0.74
C ILE F 46 -22.23 0.53 -0.28
N SER F 47 -23.38 0.99 0.21
CA SER F 47 -24.45 1.51 -0.66
C SER F 47 -24.00 2.71 -1.48
N LYS F 48 -23.40 3.70 -0.82
CA LYS F 48 -22.87 4.87 -1.52
C LYS F 48 -21.81 4.51 -2.56
N ARG F 49 -20.91 3.60 -2.21
CA ARG F 49 -19.89 3.16 -3.15
C ARG F 49 -20.60 2.56 -4.36
N ASN F 50 -21.36 1.49 -4.12
CA ASN F 50 -22.05 0.77 -5.18
C ASN F 50 -22.93 1.67 -6.05
N TYR F 51 -23.63 2.61 -5.44
CA TYR F 51 -24.51 3.51 -6.15
C TYR F 51 -23.74 4.41 -7.10
N GLN F 52 -22.60 4.95 -6.64
CA GLN F 52 -21.82 5.89 -7.46
C GLN F 52 -21.18 5.18 -8.66
N LEU F 53 -20.75 3.95 -8.42
CA LEU F 53 -20.09 3.13 -9.42
C LEU F 53 -21.08 2.82 -10.54
N GLU F 54 -22.32 2.54 -10.16
CA GLU F 54 -23.40 2.33 -11.11
C GLU F 54 -23.73 3.61 -11.89
N LYS F 55 -23.82 4.75 -11.19
CA LYS F 55 -24.00 6.04 -11.85
C LYS F 55 -22.96 6.23 -12.93
N VAL F 57 -21.27 4.12 -14.64
CA VAL F 57 -21.49 3.26 -15.79
C VAL F 57 -22.66 3.74 -16.67
N LEU F 58 -23.69 4.30 -16.07
CA LEU F 58 -24.83 4.78 -16.86
C LEU F 58 -24.52 6.07 -17.61
N LYS F 59 -23.68 6.91 -17.03
CA LYS F 59 -23.14 8.07 -17.72
C LYS F 59 -22.38 7.61 -18.96
N LYS F 60 -21.72 6.45 -18.85
CA LYS F 60 -21.01 5.87 -19.99
C LYS F 60 -21.99 5.39 -21.04
N PHE F 61 -23.05 4.71 -20.62
CA PHE F 61 -24.11 4.29 -21.54
C PHE F 61 -24.66 5.47 -22.36
N ARG F 62 -25.12 6.52 -21.67
CA ARG F 62 -25.57 7.75 -22.34
C ARG F 62 -24.60 8.22 -23.42
N GLU F 63 -23.33 8.36 -23.04
CA GLU F 63 -22.31 8.84 -23.95
C GLU F 63 -22.19 8.00 -25.21
N ARG F 64 -22.26 6.67 -25.04
CA ARG F 64 -22.11 5.78 -26.19
C ARG F 64 -23.35 5.81 -27.08
N LEU F 65 -24.53 5.90 -26.46
CA LEU F 65 -25.78 6.00 -27.22
C LEU F 65 -25.71 7.16 -28.19
N LEU F 66 -25.22 8.31 -27.71
CA LEU F 66 -24.91 9.46 -28.55
C LEU F 66 -23.96 9.11 -29.70
N GLU F 67 -22.85 8.46 -29.37
CA GLU F 67 -21.83 8.07 -30.35
C GLU F 67 -22.40 7.16 -31.44
N ILE F 68 -23.37 6.33 -31.07
CA ILE F 68 -24.04 5.43 -32.02
C ILE F 68 -24.97 6.23 -32.94
N VAL F 69 -25.72 7.17 -32.37
CA VAL F 69 -26.56 8.09 -33.15
C VAL F 69 -25.69 8.96 -34.07
N LYS F 70 -24.63 9.53 -33.50
CA LYS F 70 -23.63 10.30 -34.24
C LYS F 70 -22.85 9.41 -35.24
N SER F 71 -22.99 8.10 -35.09
CA SER F 71 -22.27 7.10 -35.88
C SER F 71 -22.78 7.00 -37.32
N GLU F 72 -23.98 7.53 -37.59
CA GLU F 72 -24.55 7.45 -38.94
C GLU F 72 -24.59 8.81 -39.66
N GLU F 73 -25.17 9.81 -39.01
CA GLU F 73 -25.17 11.19 -39.51
C GLU F 73 -24.80 12.18 -38.42
#